data_5GYR
#
_entry.id   5GYR
#
_cell.length_a   82.949
_cell.length_b   48.620
_cell.length_c   130.550
_cell.angle_alpha   90.00
_cell.angle_beta   92.28
_cell.angle_gamma   90.00
#
_symmetry.space_group_name_H-M   'P 1 21 1'
#
loop_
_entity.id
_entity.type
_entity.pdbx_description
1 polymer "Cytochrome c'"
2 non-polymer 'HEME C'
3 water water
#
_entity_poly.entity_id   1
_entity_poly.type   'polypeptide(L)'
_entity_poly.pdbx_seq_one_letter_code
;AGLSPEEQIETRQAGYEFMGWNMGKIKANLEGEYNAAQVEAAANVIAAIANSGMGALYGPGTDKNVGDVKTRVKPEFFQN
MEDVGKIAREFVGAANTLAEVAATGEAEAVKTAFGDVGAACKSCHEKYRAK
;
_entity_poly.pdbx_strand_id   A,B,E,F,I,J,M,N
#
# COMPACT_ATOMS: atom_id res chain seq x y z
N ALA A 1 9.70 -6.29 -27.07
CA ALA A 1 10.96 -5.48 -27.08
C ALA A 1 10.80 -4.07 -26.56
N GLY A 2 11.68 -3.66 -25.68
CA GLY A 2 11.60 -2.31 -25.17
C GLY A 2 12.59 -2.09 -24.07
N LEU A 3 12.39 -1.02 -23.32
CA LEU A 3 13.31 -0.66 -22.24
C LEU A 3 13.14 -1.60 -21.07
N SER A 4 14.25 -2.01 -20.48
CA SER A 4 14.22 -2.75 -19.23
C SER A 4 13.68 -1.86 -18.11
N PRO A 5 13.22 -2.46 -17.01
CA PRO A 5 12.76 -1.65 -15.89
C PRO A 5 13.81 -0.65 -15.41
N GLU A 6 15.04 -1.10 -15.36
CA GLU A 6 16.15 -0.26 -14.99
C GLU A 6 16.30 0.94 -15.96
N GLU A 7 16.24 0.64 -17.26
CA GLU A 7 16.33 1.68 -18.30
C GLU A 7 15.15 2.66 -18.21
N GLN A 8 13.97 2.17 -17.87
CA GLN A 8 12.81 3.04 -17.73
C GLN A 8 12.98 4.04 -16.60
N ILE A 9 13.47 3.54 -15.47
CA ILE A 9 13.70 4.41 -14.31
C ILE A 9 14.78 5.44 -14.64
N GLU A 10 15.90 4.99 -15.21
CA GLU A 10 16.98 5.89 -15.59
C GLU A 10 16.49 6.96 -16.57
N THR A 11 15.68 6.56 -17.52
CA THR A 11 15.21 7.49 -18.55
C THR A 11 14.22 8.51 -18.00
N ARG A 12 13.29 8.08 -17.16
CA ARG A 12 12.37 9.06 -16.59
C ARG A 12 13.13 10.02 -15.68
N GLN A 13 14.06 9.50 -14.90
CA GLN A 13 14.88 10.37 -14.06
C GLN A 13 15.67 11.39 -14.88
N ALA A 14 16.17 10.95 -16.04
CA ALA A 14 16.89 11.85 -16.93
C ALA A 14 16.00 12.97 -17.41
N GLY A 15 14.80 12.65 -17.84
CA GLY A 15 13.86 13.69 -18.28
C GLY A 15 13.58 14.73 -17.20
N TYR A 16 13.32 14.25 -15.99
CA TYR A 16 13.06 15.14 -14.88
C TYR A 16 14.26 16.01 -14.51
N GLU A 17 15.42 15.40 -14.43
CA GLU A 17 16.64 16.10 -14.12
C GLU A 17 16.88 17.20 -15.15
N PHE A 18 16.67 16.88 -16.43
CA PHE A 18 16.92 17.84 -17.50
C PHE A 18 15.91 18.99 -17.46
N MET A 19 14.65 18.68 -17.14
CA MET A 19 13.69 19.75 -16.91
C MET A 19 14.14 20.65 -15.76
N GLY A 20 14.65 20.05 -14.69
CA GLY A 20 15.09 20.81 -13.52
C GLY A 20 16.17 21.81 -13.89
N TRP A 21 17.12 21.37 -14.73
CA TRP A 21 18.20 22.25 -15.19
C TRP A 21 17.63 23.44 -15.96
N ASN A 22 16.70 23.15 -16.85
CA ASN A 22 16.07 24.23 -17.62
C ASN A 22 15.19 25.16 -16.80
N MET A 23 14.50 24.64 -15.79
CA MET A 23 13.76 25.50 -14.85
C MET A 23 14.73 26.46 -14.13
N GLY A 24 15.88 25.91 -13.73
CA GLY A 24 16.90 26.70 -13.04
C GLY A 24 17.43 27.82 -13.91
N LYS A 25 17.55 27.57 -15.21
CA LYS A 25 17.98 28.63 -16.13
C LYS A 25 16.95 29.74 -16.23
N ILE A 26 15.66 29.37 -16.24
CA ILE A 26 14.61 30.38 -16.32
C ILE A 26 14.67 31.26 -15.06
N LYS A 27 14.80 30.62 -13.90
CA LYS A 27 14.89 31.33 -12.63
C LYS A 27 16.06 32.30 -12.66
N ALA A 28 17.22 31.85 -13.15
CA ALA A 28 18.42 32.69 -13.21
C ALA A 28 18.21 33.91 -14.09
N ASN A 29 17.55 33.70 -15.24
CA ASN A 29 17.23 34.81 -16.14
C ASN A 29 16.27 35.83 -15.53
N LEU A 30 15.29 35.33 -14.79
CA LEU A 30 14.32 36.20 -14.11
C LEU A 30 14.97 37.01 -12.97
N GLU A 31 15.99 36.44 -12.33
CA GLU A 31 16.63 37.10 -11.20
C GLU A 31 17.81 37.97 -11.61
N GLY A 32 18.30 37.79 -12.83
CA GLY A 32 19.49 38.50 -13.29
C GLY A 32 19.20 39.30 -14.54
N GLU A 33 20.06 39.14 -15.54
CA GLU A 33 19.88 39.80 -16.82
C GLU A 33 19.12 38.87 -17.76
N TYR A 34 17.91 39.28 -18.11
CA TYR A 34 16.99 38.44 -18.87
C TYR A 34 17.43 38.28 -20.32
N ASN A 35 17.59 37.03 -20.73
CA ASN A 35 17.95 36.68 -22.10
C ASN A 35 16.73 35.94 -22.68
N ALA A 36 16.00 36.62 -23.55
CA ALA A 36 14.73 36.09 -24.06
C ALA A 36 14.88 34.79 -24.82
N ALA A 37 15.88 34.70 -25.70
CA ALA A 37 16.12 33.48 -26.48
C ALA A 37 16.46 32.29 -25.57
N GLN A 38 17.26 32.55 -24.54
CA GLN A 38 17.65 31.51 -23.59
C GLN A 38 16.44 30.97 -22.82
N VAL A 39 15.59 31.88 -22.37
CA VAL A 39 14.38 31.49 -21.66
C VAL A 39 13.42 30.72 -22.57
N GLU A 40 13.27 31.19 -23.80
CA GLU A 40 12.45 30.51 -24.79
C GLU A 40 12.95 29.07 -25.01
N ALA A 41 14.26 28.91 -25.19
CA ALA A 41 14.83 27.57 -25.40
C ALA A 41 14.59 26.67 -24.19
N ALA A 42 14.74 27.22 -22.99
CA ALA A 42 14.51 26.44 -21.78
C ALA A 42 13.04 26.05 -21.64
N ALA A 43 12.14 27.00 -21.89
CA ALA A 43 10.71 26.72 -21.82
C ALA A 43 10.32 25.67 -22.85
N ASN A 44 10.94 25.70 -24.02
CA ASN A 44 10.63 24.71 -25.05
C ASN A 44 11.01 23.30 -24.63
N VAL A 45 12.12 23.18 -23.90
CA VAL A 45 12.48 21.88 -23.35
C VAL A 45 11.40 21.39 -22.38
N ILE A 46 10.99 22.27 -21.48
CA ILE A 46 10.02 21.86 -20.46
C ILE A 46 8.72 21.40 -21.12
N ALA A 47 8.26 22.16 -22.12
CA ALA A 47 7.04 21.77 -22.84
C ALA A 47 7.20 20.48 -23.61
N ALA A 48 8.33 20.33 -24.30
CA ALA A 48 8.57 19.11 -25.07
C ALA A 48 8.65 17.87 -24.18
N ILE A 49 9.34 17.97 -23.06
CA ILE A 49 9.41 16.84 -22.16
C ILE A 49 8.05 16.56 -21.50
N ALA A 50 7.32 17.60 -21.11
CA ALA A 50 5.98 17.43 -20.56
C ALA A 50 5.06 16.67 -21.52
N ASN A 51 5.26 16.89 -22.83
CA ASN A 51 4.46 16.25 -23.87
C ASN A 51 5.03 14.92 -24.42
N SER A 52 6.12 14.42 -23.83
CA SER A 52 6.88 13.31 -24.42
C SER A 52 6.38 11.90 -24.13
N GLY A 53 5.28 11.76 -23.39
CA GLY A 53 4.74 10.43 -23.11
C GLY A 53 5.56 9.60 -22.14
N MET A 54 5.94 10.22 -21.04
CA MET A 54 6.76 9.55 -20.04
C MET A 54 6.02 8.43 -19.31
N GLY A 55 4.71 8.35 -19.48
CA GLY A 55 3.94 7.23 -18.95
C GLY A 55 4.50 5.90 -19.38
N ALA A 56 5.08 5.85 -20.58
CA ALA A 56 5.68 4.63 -21.11
C ALA A 56 6.90 4.17 -20.32
N LEU A 57 7.40 5.04 -19.44
CA LEU A 57 8.55 4.77 -18.61
C LEU A 57 8.16 4.31 -17.20
N TYR A 58 6.87 4.12 -16.98
CA TYR A 58 6.35 3.68 -15.69
C TYR A 58 5.75 2.28 -15.81
N GLY A 59 6.51 1.38 -16.42
CA GLY A 59 6.09 0.00 -16.67
C GLY A 59 6.10 -0.83 -15.39
N PRO A 60 5.59 -2.07 -15.44
CA PRO A 60 5.25 -2.89 -14.24
C PRO A 60 6.39 -3.27 -13.25
N GLY A 61 7.63 -3.29 -13.72
CA GLY A 61 8.76 -3.64 -12.84
C GLY A 61 9.47 -2.45 -12.24
N THR A 62 8.87 -1.26 -12.34
CA THR A 62 9.59 -0.01 -12.02
C THR A 62 9.10 0.69 -10.76
N ASP A 63 8.36 -0.02 -9.93
CA ASP A 63 7.87 0.54 -8.65
C ASP A 63 8.88 0.41 -7.51
N LYS A 64 9.98 -0.32 -7.74
CA LYS A 64 10.98 -0.58 -6.70
C LYS A 64 12.39 -0.49 -7.27
N ASN A 65 13.38 -0.39 -6.38
CA ASN A 65 14.77 -0.31 -6.84
C ASN A 65 15.14 -1.53 -7.63
N VAL A 66 15.88 -1.33 -8.72
CA VAL A 66 16.28 -2.43 -9.61
C VAL A 66 17.78 -2.33 -9.86
N GLY A 67 18.48 -3.45 -9.74
CA GLY A 67 19.92 -3.46 -9.96
C GLY A 67 20.60 -2.44 -9.06
N ASP A 68 21.39 -1.55 -9.66
CA ASP A 68 22.05 -0.46 -8.90
C ASP A 68 21.21 0.83 -8.93
N VAL A 69 20.03 0.76 -9.57
CA VAL A 69 19.22 1.95 -9.80
C VAL A 69 18.13 2.08 -8.73
N LYS A 70 18.04 3.25 -8.14
CA LYS A 70 17.07 3.50 -7.08
C LYS A 70 16.00 4.43 -7.62
N THR A 71 14.76 4.18 -7.24
CA THR A 71 13.64 5.03 -7.65
C THR A 71 13.00 5.64 -6.41
N ARG A 72 12.42 6.82 -6.61
CA ARG A 72 11.72 7.55 -5.55
C ARG A 72 10.22 7.59 -5.80
N VAL A 73 9.73 6.84 -6.77
CA VAL A 73 8.30 6.84 -7.03
C VAL A 73 7.55 6.17 -5.89
N LYS A 74 6.41 6.75 -5.55
CA LYS A 74 5.49 6.13 -4.58
C LYS A 74 4.49 5.24 -5.29
N PRO A 75 4.10 4.12 -4.68
CA PRO A 75 3.26 3.14 -5.38
C PRO A 75 1.93 3.74 -5.84
N GLU A 76 1.43 4.74 -5.11
CA GLU A 76 0.16 5.41 -5.41
C GLU A 76 0.13 6.04 -6.79
N PHE A 77 1.29 6.36 -7.34
CA PHE A 77 1.37 7.01 -8.63
C PHE A 77 0.74 6.20 -9.74
N PHE A 78 1.02 4.90 -9.74
CA PHE A 78 0.67 4.02 -10.85
C PHE A 78 -0.84 3.89 -11.13
N GLN A 79 -1.66 4.02 -10.10
CA GLN A 79 -3.11 3.81 -10.30
C GLN A 79 -3.77 4.93 -11.11
N ASN A 80 -3.04 6.03 -11.29
CA ASN A 80 -3.54 7.13 -12.12
C ASN A 80 -3.32 6.98 -13.62
N MET A 81 -2.64 5.91 -14.03
CA MET A 81 -2.38 5.58 -15.42
C MET A 81 -3.52 4.86 -16.09
N GLU A 82 -3.69 5.15 -17.37
CA GLU A 82 -4.67 4.51 -18.22
C GLU A 82 -4.07 4.19 -19.57
N ASP A 83 -4.60 3.14 -20.19
CA ASP A 83 -4.18 2.75 -21.52
C ASP A 83 -4.73 3.80 -22.48
N VAL A 84 -3.83 4.57 -23.09
CA VAL A 84 -4.17 5.59 -24.09
C VAL A 84 -3.82 5.16 -25.50
N GLY A 85 -3.58 3.87 -25.67
CA GLY A 85 -3.27 3.28 -26.96
C GLY A 85 -4.42 3.32 -27.94
N LYS A 86 -4.07 3.06 -29.19
CA LYS A 86 -5.00 3.13 -30.30
C LYS A 86 -6.20 2.21 -30.13
N ILE A 87 -5.93 0.97 -29.74
CA ILE A 87 -7.01 -0.01 -29.63
C ILE A 87 -7.96 0.33 -28.49
N ALA A 88 -7.42 0.78 -27.37
CA ALA A 88 -8.24 1.19 -26.24
C ALA A 88 -9.17 2.35 -26.62
N ARG A 89 -8.64 3.30 -27.37
CA ARG A 89 -9.43 4.42 -27.80
C ARG A 89 -10.50 3.96 -28.78
N GLU A 90 -10.16 3.04 -29.68
CA GLU A 90 -11.14 2.46 -30.59
C GLU A 90 -12.24 1.76 -29.80
N PHE A 91 -11.85 1.02 -28.77
CA PHE A 91 -12.79 0.27 -27.96
C PHE A 91 -13.76 1.17 -27.22
N VAL A 92 -13.25 2.20 -26.57
CA VAL A 92 -14.12 3.10 -25.80
C VAL A 92 -15.12 3.79 -26.72
N GLY A 93 -14.64 4.26 -27.87
CA GLY A 93 -15.50 4.89 -28.85
C GLY A 93 -16.57 3.94 -29.33
N ALA A 94 -16.16 2.71 -29.63
CA ALA A 94 -17.09 1.71 -30.13
C ALA A 94 -18.11 1.32 -29.08
N ALA A 95 -17.67 1.18 -27.83
CA ALA A 95 -18.58 0.81 -26.75
C ALA A 95 -19.59 1.92 -26.47
N ASN A 96 -19.14 3.17 -26.47
CA ASN A 96 -20.03 4.29 -26.29
C ASN A 96 -21.09 4.33 -27.37
N THR A 97 -20.67 4.09 -28.61
CA THR A 97 -21.61 4.08 -29.74
C THR A 97 -22.60 2.94 -29.61
N LEU A 98 -22.14 1.77 -29.20
CA LEU A 98 -23.05 0.63 -29.01
C LEU A 98 -24.15 0.96 -27.99
N ALA A 99 -23.80 1.61 -26.89
CA ALA A 99 -24.80 1.97 -25.88
C ALA A 99 -25.80 3.01 -26.42
N GLU A 100 -25.29 4.00 -27.15
CA GLU A 100 -26.14 4.99 -27.81
C GLU A 100 -27.13 4.36 -28.77
N VAL A 101 -26.62 3.51 -29.65
CA VAL A 101 -27.46 2.88 -30.66
C VAL A 101 -28.47 1.93 -29.98
N ALA A 102 -28.02 1.22 -28.96
CA ALA A 102 -28.89 0.28 -28.25
C ALA A 102 -30.09 1.00 -27.62
N ALA A 103 -29.87 2.23 -27.15
CA ALA A 103 -30.95 3.01 -26.54
C ALA A 103 -32.07 3.35 -27.53
N THR A 104 -31.77 3.32 -28.82
CA THR A 104 -32.78 3.59 -29.86
C THR A 104 -33.70 2.38 -30.14
N GLY A 105 -33.21 1.20 -29.77
CA GLY A 105 -33.98 -0.03 -29.94
C GLY A 105 -33.88 -0.63 -31.33
N GLU A 106 -33.08 -0.02 -32.20
CA GLU A 106 -33.01 -0.46 -33.60
C GLU A 106 -31.99 -1.60 -33.80
N ALA A 107 -32.51 -2.82 -33.96
CA ALA A 107 -31.66 -4.01 -34.02
C ALA A 107 -30.61 -3.99 -35.13
N GLU A 108 -30.95 -3.47 -36.31
CA GLU A 108 -29.98 -3.49 -37.40
C GLU A 108 -28.80 -2.54 -37.15
N ALA A 109 -29.07 -1.39 -36.53
CA ALA A 109 -28.01 -0.47 -36.16
C ALA A 109 -27.15 -1.07 -35.04
N VAL A 110 -27.80 -1.72 -34.09
CA VAL A 110 -27.09 -2.41 -33.00
C VAL A 110 -26.16 -3.48 -33.56
N LYS A 111 -26.63 -4.23 -34.55
CA LYS A 111 -25.82 -5.29 -35.14
C LYS A 111 -24.50 -4.73 -35.65
N THR A 112 -24.56 -3.59 -36.34
CA THR A 112 -23.36 -2.95 -36.86
C THR A 112 -22.46 -2.45 -35.73
N ALA A 113 -23.06 -1.79 -34.74
CA ALA A 113 -22.31 -1.28 -33.59
C ALA A 113 -21.69 -2.38 -32.75
N PHE A 114 -22.42 -3.49 -32.62
CA PHE A 114 -21.94 -4.66 -31.92
C PHE A 114 -20.71 -5.24 -32.59
N GLY A 115 -20.73 -5.31 -33.92
CA GLY A 115 -19.59 -5.84 -34.69
C GLY A 115 -18.34 -5.00 -34.49
N ASP A 116 -18.51 -3.69 -34.44
CA ASP A 116 -17.36 -2.81 -34.22
C ASP A 116 -16.76 -3.01 -32.85
N VAL A 117 -17.60 -3.21 -31.83
CA VAL A 117 -17.06 -3.49 -30.50
C VAL A 117 -16.30 -4.81 -30.49
N GLY A 118 -16.92 -5.85 -31.05
CA GLY A 118 -16.29 -7.17 -31.11
C GLY A 118 -14.92 -7.15 -31.76
N ALA A 119 -14.78 -6.35 -32.83
CA ALA A 119 -13.50 -6.21 -33.52
C ALA A 119 -12.45 -5.59 -32.63
N ALA A 120 -12.84 -4.64 -31.79
CA ALA A 120 -11.91 -4.01 -30.85
C ALA A 120 -11.46 -5.00 -29.78
N CYS A 121 -12.38 -5.79 -29.24
CA CYS A 121 -11.99 -6.84 -28.25
C CYS A 121 -10.92 -7.73 -28.87
N LYS A 122 -11.24 -8.22 -30.07
CA LYS A 122 -10.39 -9.18 -30.75
C LYS A 122 -9.02 -8.61 -31.12
N SER A 123 -8.99 -7.37 -31.56
CA SER A 123 -7.74 -6.79 -32.02
C SER A 123 -6.80 -6.58 -30.84
N CYS A 124 -7.32 -6.20 -29.67
CA CYS A 124 -6.47 -6.07 -28.50
C CYS A 124 -5.92 -7.43 -28.08
N HIS A 125 -6.75 -8.46 -28.13
CA HIS A 125 -6.32 -9.80 -27.74
C HIS A 125 -5.22 -10.34 -28.63
N GLU A 126 -5.38 -10.14 -29.92
CA GLU A 126 -4.41 -10.65 -30.89
C GLU A 126 -3.02 -10.08 -30.62
N LYS A 127 -2.98 -8.80 -30.30
CA LYS A 127 -1.70 -8.13 -30.01
C LYS A 127 -1.19 -8.28 -28.60
N TYR A 128 -2.07 -8.29 -27.61
CA TYR A 128 -1.64 -8.11 -26.21
C TYR A 128 -2.07 -9.19 -25.22
N ARG A 129 -2.75 -10.22 -25.69
CA ARG A 129 -3.18 -11.31 -24.82
C ARG A 129 -2.60 -12.62 -25.31
N ALA A 130 -1.93 -13.33 -24.41
CA ALA A 130 -1.32 -14.61 -24.75
C ALA A 130 -2.39 -15.64 -25.13
N LYS A 131 -2.06 -16.47 -26.11
CA LYS A 131 -2.85 -17.68 -26.39
C LYS A 131 -2.40 -18.77 -25.41
N ALA B 1 26.35 31.22 -8.05
CA ALA B 1 26.94 29.87 -8.35
C ALA B 1 26.12 29.02 -9.28
N GLY B 2 26.78 28.48 -10.30
CA GLY B 2 26.17 27.63 -11.27
C GLY B 2 26.26 26.18 -10.86
N LEU B 3 26.16 25.33 -11.85
CA LEU B 3 26.25 23.91 -11.64
C LEU B 3 27.69 23.53 -11.34
N SER B 4 27.85 22.63 -10.38
CA SER B 4 29.15 22.05 -10.11
C SER B 4 29.58 21.20 -11.31
N PRO B 5 30.87 20.89 -11.41
CA PRO B 5 31.31 20.01 -12.49
C PRO B 5 30.56 18.68 -12.51
N GLU B 6 30.32 18.12 -11.34
CA GLU B 6 29.58 16.88 -11.21
C GLU B 6 28.16 17.04 -11.75
N GLU B 7 27.52 18.13 -11.36
CA GLU B 7 26.16 18.43 -11.84
C GLU B 7 26.13 18.62 -13.35
N GLN B 8 27.16 19.24 -13.90
CA GLN B 8 27.21 19.47 -15.35
C GLN B 8 27.28 18.16 -16.12
N ILE B 9 28.11 17.23 -15.63
CA ILE B 9 28.25 15.94 -16.25
C ILE B 9 26.93 15.17 -16.14
N GLU B 10 26.34 15.14 -14.96
CA GLU B 10 25.05 14.46 -14.76
C GLU B 10 23.98 15.02 -15.68
N THR B 11 23.96 16.33 -15.83
CA THR B 11 22.91 16.98 -16.58
C THR B 11 23.08 16.74 -18.07
N ARG B 12 24.30 16.84 -18.57
CA ARG B 12 24.49 16.59 -20.00
C ARG B 12 24.16 15.13 -20.32
N GLN B 13 24.56 14.21 -19.45
CA GLN B 13 24.22 12.81 -19.65
C GLN B 13 22.72 12.60 -19.67
N ALA B 14 22.00 13.32 -18.81
CA ALA B 14 20.54 13.22 -18.79
C ALA B 14 19.92 13.64 -20.12
N GLY B 15 20.38 14.76 -20.65
CA GLY B 15 19.83 15.26 -21.92
C GLY B 15 20.07 14.27 -23.04
N TYR B 16 21.28 13.72 -23.11
CA TYR B 16 21.61 12.72 -24.14
C TYR B 16 20.79 11.45 -24.00
N GLU B 17 20.66 10.96 -22.75
CA GLU B 17 19.93 9.74 -22.50
C GLU B 17 18.47 9.94 -22.93
N PHE B 18 17.90 11.10 -22.61
CA PHE B 18 16.49 11.35 -22.94
C PHE B 18 16.31 11.50 -24.46
N MET B 19 17.28 12.13 -25.14
CA MET B 19 17.22 12.16 -26.62
C MET B 19 17.27 10.77 -27.21
N GLY B 20 18.14 9.92 -26.66
CA GLY B 20 18.27 8.54 -27.12
C GLY B 20 16.94 7.79 -27.04
N TRP B 21 16.22 7.97 -25.94
CA TRP B 21 14.92 7.31 -25.77
C TRP B 21 13.96 7.76 -26.85
N ASN B 22 13.93 9.05 -27.09
CA ASN B 22 13.04 9.59 -28.11
C ASN B 22 13.41 9.18 -29.53
N MET B 23 14.69 9.08 -29.81
CA MET B 23 15.14 8.56 -31.11
C MET B 23 14.64 7.14 -31.29
N GLY B 24 14.76 6.34 -30.23
CA GLY B 24 14.28 4.95 -30.27
C GLY B 24 12.80 4.84 -30.54
N LYS B 25 12.02 5.76 -29.98
CA LYS B 25 10.58 5.75 -30.25
C LYS B 25 10.31 6.05 -31.73
N ILE B 26 11.06 6.97 -32.30
CA ILE B 26 10.84 7.32 -33.71
C ILE B 26 11.14 6.09 -34.55
N LYS B 27 12.25 5.43 -34.24
CA LYS B 27 12.65 4.24 -34.98
C LYS B 27 11.56 3.17 -34.90
N ALA B 28 11.01 2.97 -33.72
CA ALA B 28 9.97 1.97 -33.51
C ALA B 28 8.73 2.28 -34.36
N ASN B 29 8.36 3.55 -34.41
CA ASN B 29 7.21 3.99 -35.21
C ASN B 29 7.43 3.77 -36.70
N LEU B 30 8.65 4.03 -37.15
CA LEU B 30 9.01 3.83 -38.56
C LEU B 30 9.02 2.36 -38.95
N GLU B 31 9.36 1.48 -38.02
CA GLU B 31 9.44 0.06 -38.31
C GLU B 31 8.18 -0.72 -37.98
N GLY B 32 7.25 -0.10 -37.29
CA GLY B 32 6.01 -0.77 -36.91
C GLY B 32 4.82 0.02 -37.41
N GLU B 33 3.89 0.27 -36.51
CA GLU B 33 2.69 1.01 -36.84
C GLU B 33 2.90 2.49 -36.49
N TYR B 34 2.94 3.32 -37.51
CA TYR B 34 3.30 4.72 -37.37
C TYR B 34 2.21 5.52 -36.64
N ASN B 35 2.61 6.18 -35.56
CA ASN B 35 1.74 7.07 -34.80
C ASN B 35 2.30 8.48 -34.97
N ALA B 36 1.60 9.29 -35.76
CA ALA B 36 2.13 10.61 -36.16
C ALA B 36 2.34 11.55 -34.98
N ALA B 37 1.36 11.58 -34.08
CA ALA B 37 1.46 12.45 -32.89
C ALA B 37 2.64 12.03 -32.01
N GLN B 38 2.84 10.73 -31.86
CA GLN B 38 3.93 10.20 -31.04
C GLN B 38 5.28 10.59 -31.64
N VAL B 39 5.41 10.48 -32.95
CA VAL B 39 6.66 10.86 -33.61
C VAL B 39 6.92 12.35 -33.53
N GLU B 40 5.85 13.15 -33.68
CA GLU B 40 5.95 14.58 -33.55
C GLU B 40 6.44 14.95 -32.14
N ALA B 41 5.87 14.32 -31.12
CA ALA B 41 6.25 14.63 -29.75
C ALA B 41 7.72 14.25 -29.51
N ALA B 42 8.14 13.11 -30.03
CA ALA B 42 9.53 12.67 -29.87
C ALA B 42 10.49 13.61 -30.59
N ALA B 43 10.13 13.99 -31.82
CA ALA B 43 10.96 14.90 -32.59
C ALA B 43 11.07 16.28 -31.91
N ASN B 44 9.98 16.72 -31.28
CA ASN B 44 9.99 17.98 -30.58
C ASN B 44 10.96 17.95 -29.40
N VAL B 45 11.07 16.80 -28.73
CA VAL B 45 12.05 16.67 -27.64
C VAL B 45 13.47 16.79 -28.21
N ILE B 46 13.74 16.11 -29.30
CA ILE B 46 15.09 16.12 -29.85
C ILE B 46 15.46 17.53 -30.27
N ALA B 47 14.54 18.24 -30.92
CA ALA B 47 14.82 19.61 -31.34
C ALA B 47 15.02 20.52 -30.14
N ALA B 48 14.16 20.38 -29.13
CA ALA B 48 14.26 21.25 -27.97
C ALA B 48 15.58 21.04 -27.23
N ILE B 49 15.95 19.78 -27.05
CA ILE B 49 17.21 19.50 -26.39
C ILE B 49 18.40 19.96 -27.21
N ALA B 50 18.35 19.74 -28.52
CA ALA B 50 19.40 20.24 -29.41
C ALA B 50 19.60 21.75 -29.29
N ASN B 51 18.51 22.47 -29.07
CA ASN B 51 18.51 23.92 -28.92
C ASN B 51 18.71 24.44 -27.50
N SER B 52 18.96 23.55 -26.54
CA SER B 52 18.90 23.92 -25.12
C SER B 52 20.21 24.48 -24.57
N GLY B 53 21.24 24.60 -25.39
CA GLY B 53 22.51 25.15 -24.96
C GLY B 53 23.29 24.23 -24.06
N MET B 54 23.38 22.96 -24.44
CA MET B 54 24.13 21.98 -23.65
C MET B 54 25.64 22.28 -23.62
N GLY B 55 26.12 23.15 -24.50
CA GLY B 55 27.52 23.59 -24.42
C GLY B 55 27.90 24.15 -23.06
N ALA B 56 26.93 24.76 -22.38
CA ALA B 56 27.14 25.32 -21.05
C ALA B 56 27.45 24.26 -19.99
N LEU B 57 27.21 23.00 -20.33
CA LEU B 57 27.42 21.86 -19.43
C LEU B 57 28.80 21.24 -19.63
N TYR B 58 29.62 21.87 -20.46
CA TYR B 58 31.00 21.43 -20.67
C TYR B 58 31.98 22.47 -20.13
N GLY B 59 31.75 22.86 -18.90
CA GLY B 59 32.59 23.80 -18.20
C GLY B 59 33.93 23.21 -17.80
N PRO B 60 34.83 24.09 -17.29
CA PRO B 60 36.13 23.65 -16.81
C PRO B 60 35.92 22.62 -15.69
N GLY B 61 36.79 21.63 -15.62
CA GLY B 61 36.71 20.60 -14.60
C GLY B 61 35.76 19.45 -14.91
N THR B 62 35.13 19.46 -16.09
CA THR B 62 34.24 18.37 -16.49
C THR B 62 34.83 17.41 -17.54
N ASP B 63 36.15 17.45 -17.69
CA ASP B 63 36.84 16.57 -18.63
C ASP B 63 37.20 15.19 -18.07
N LYS B 64 37.01 15.01 -16.77
CA LYS B 64 37.44 13.77 -16.09
C LYS B 64 36.38 13.35 -15.10
N ASN B 65 36.46 12.09 -14.65
CA ASN B 65 35.54 11.61 -13.65
C ASN B 65 35.65 12.47 -12.36
N VAL B 66 34.49 12.79 -11.78
CA VAL B 66 34.41 13.66 -10.60
C VAL B 66 33.53 13.00 -9.56
N GLY B 67 33.98 12.98 -8.30
CA GLY B 67 33.23 12.32 -7.24
C GLY B 67 32.96 10.88 -7.63
N ASP B 68 31.70 10.47 -7.60
CA ASP B 68 31.31 9.12 -8.05
C ASP B 68 30.80 9.14 -9.48
N VAL B 69 30.86 10.30 -10.13
CA VAL B 69 30.30 10.47 -11.46
C VAL B 69 31.38 10.23 -12.49
N LYS B 70 31.07 9.37 -13.44
CA LYS B 70 32.01 9.06 -14.53
C LYS B 70 31.53 9.72 -15.81
N THR B 71 32.46 10.23 -16.60
CA THR B 71 32.15 10.84 -17.89
C THR B 71 32.77 10.03 -19.01
N ARG B 72 32.13 10.05 -20.16
CA ARG B 72 32.65 9.40 -21.38
C ARG B 72 33.15 10.42 -22.41
N VAL B 73 33.25 11.69 -22.02
CA VAL B 73 33.78 12.67 -22.95
C VAL B 73 35.27 12.37 -23.17
N LYS B 74 35.72 12.50 -24.40
CA LYS B 74 37.13 12.35 -24.71
C LYS B 74 37.82 13.69 -24.48
N PRO B 75 39.06 13.65 -23.97
CA PRO B 75 39.79 14.88 -23.68
C PRO B 75 39.91 15.82 -24.90
N GLU B 76 39.95 15.26 -26.11
CA GLU B 76 40.03 16.04 -27.36
C GLU B 76 38.91 17.06 -27.55
N PHE B 77 37.76 16.78 -26.94
CA PHE B 77 36.61 17.66 -27.07
C PHE B 77 36.99 19.08 -26.67
N PHE B 78 37.70 19.21 -25.56
CA PHE B 78 38.02 20.53 -24.97
C PHE B 78 39.06 21.30 -25.75
N GLN B 79 39.87 20.57 -26.51
CA GLN B 79 40.88 21.15 -27.38
C GLN B 79 40.38 21.43 -28.79
N ASN B 80 39.14 21.07 -29.07
CA ASN B 80 38.55 21.27 -30.40
C ASN B 80 37.21 21.98 -30.30
N MET B 81 37.16 22.99 -29.47
CA MET B 81 35.90 23.67 -29.22
C MET B 81 35.27 24.33 -30.44
N GLU B 82 36.09 24.74 -31.40
CA GLU B 82 35.55 25.37 -32.59
C GLU B 82 34.82 24.33 -33.44
N ASP B 83 35.37 23.11 -33.54
CA ASP B 83 34.73 22.06 -34.32
C ASP B 83 33.51 21.52 -33.56
N VAL B 84 33.59 21.44 -32.25
CA VAL B 84 32.46 20.95 -31.48
C VAL B 84 31.29 21.92 -31.74
N GLY B 85 31.65 23.20 -31.80
CA GLY B 85 30.68 24.24 -32.07
C GLY B 85 30.00 24.04 -33.39
N LYS B 86 30.78 23.78 -34.44
CA LYS B 86 30.25 23.52 -35.78
C LYS B 86 29.29 22.33 -35.82
N ILE B 87 29.70 21.23 -35.20
CA ILE B 87 28.88 20.00 -35.23
C ILE B 87 27.60 20.21 -34.46
N ALA B 88 27.67 20.93 -33.35
CA ALA B 88 26.48 21.21 -32.55
C ALA B 88 25.49 22.04 -33.34
N ARG B 89 25.99 23.04 -34.07
CA ARG B 89 25.11 23.84 -34.91
C ARG B 89 24.51 23.03 -36.05
N GLU B 90 25.30 22.13 -36.63
CA GLU B 90 24.78 21.20 -37.66
C GLU B 90 23.69 20.29 -37.08
N PHE B 91 23.91 19.81 -35.87
CA PHE B 91 22.92 18.94 -35.20
C PHE B 91 21.60 19.70 -34.97
N VAL B 92 21.72 20.97 -34.55
CA VAL B 92 20.54 21.83 -34.41
C VAL B 92 19.74 21.93 -35.72
N GLY B 93 20.43 22.13 -36.83
CA GLY B 93 19.74 22.19 -38.14
C GLY B 93 19.01 20.91 -38.45
N ALA B 94 19.67 19.78 -38.22
CA ALA B 94 19.06 18.49 -38.52
C ALA B 94 17.87 18.22 -37.61
N ALA B 95 18.04 18.54 -36.33
CA ALA B 95 16.97 18.31 -35.37
C ALA B 95 15.76 19.20 -35.66
N ASN B 96 16.02 20.45 -36.03
CA ASN B 96 14.93 21.36 -36.43
C ASN B 96 14.17 20.82 -37.62
N THR B 97 14.89 20.31 -38.60
CA THR B 97 14.24 19.74 -39.78
C THR B 97 13.41 18.52 -39.44
N LEU B 98 13.94 17.65 -38.56
CA LEU B 98 13.18 16.48 -38.14
C LEU B 98 11.85 16.89 -37.48
N ALA B 99 11.86 17.92 -36.63
CA ALA B 99 10.63 18.36 -35.99
C ALA B 99 9.63 18.92 -37.01
N GLU B 100 10.14 19.71 -37.94
CA GLU B 100 9.33 20.27 -39.01
C GLU B 100 8.66 19.19 -39.86
N VAL B 101 9.44 18.21 -40.29
CA VAL B 101 8.91 17.13 -41.11
C VAL B 101 7.93 16.26 -40.31
N ALA B 102 8.26 16.03 -39.03
CA ALA B 102 7.39 15.21 -38.19
C ALA B 102 6.01 15.85 -38.04
N ALA B 103 5.96 17.18 -38.02
CA ALA B 103 4.68 17.90 -37.90
C ALA B 103 3.77 17.67 -39.10
N THR B 104 4.35 17.29 -40.24
CA THR B 104 3.54 17.01 -41.46
C THR B 104 2.88 15.63 -41.41
N GLY B 105 3.42 14.74 -40.58
CA GLY B 105 2.88 13.40 -40.41
C GLY B 105 3.33 12.41 -41.46
N GLU B 106 4.22 12.83 -42.36
CA GLU B 106 4.62 11.99 -43.48
C GLU B 106 5.76 11.09 -43.10
N ALA B 107 5.47 9.82 -42.90
CA ALA B 107 6.47 8.86 -42.42
C ALA B 107 7.71 8.74 -43.32
N GLU B 108 7.53 8.78 -44.64
CA GLU B 108 8.69 8.64 -45.50
C GLU B 108 9.67 9.81 -45.41
N ALA B 109 9.13 11.01 -45.27
CA ALA B 109 9.96 12.20 -45.10
C ALA B 109 10.64 12.16 -43.73
N VAL B 110 9.90 11.73 -42.72
CA VAL B 110 10.47 11.58 -41.37
C VAL B 110 11.64 10.59 -41.38
N LYS B 111 11.47 9.49 -42.10
CA LYS B 111 12.53 8.46 -42.17
C LYS B 111 13.84 9.09 -42.65
N THR B 112 13.77 9.91 -43.68
CA THR B 112 14.96 10.58 -44.20
C THR B 112 15.53 11.59 -43.19
N ALA B 113 14.66 12.40 -42.61
CA ALA B 113 15.09 13.40 -41.63
C ALA B 113 15.68 12.75 -40.37
N PHE B 114 15.10 11.63 -39.98
CA PHE B 114 15.56 10.85 -38.82
C PHE B 114 16.96 10.32 -39.05
N GLY B 115 17.22 9.83 -40.25
CA GLY B 115 18.56 9.39 -40.61
C GLY B 115 19.62 10.49 -40.56
N ASP B 116 19.27 11.69 -41.00
CA ASP B 116 20.21 12.81 -40.94
C ASP B 116 20.54 13.19 -39.50
N VAL B 117 19.54 13.16 -38.62
CA VAL B 117 19.81 13.46 -37.22
C VAL B 117 20.75 12.40 -36.63
N GLY B 118 20.42 11.14 -36.87
CA GLY B 118 21.22 10.02 -36.38
C GLY B 118 22.67 10.14 -36.80
N ALA B 119 22.91 10.56 -38.04
CA ALA B 119 24.27 10.77 -38.53
C ALA B 119 25.01 11.88 -37.76
N ALA B 120 24.31 12.94 -37.38
CA ALA B 120 24.90 14.01 -36.58
C ALA B 120 25.24 13.54 -35.17
N CYS B 121 24.35 12.77 -34.54
CA CYS B 121 24.67 12.20 -33.22
C CYS B 121 25.96 11.39 -33.33
N LYS B 122 25.99 10.52 -34.33
CA LYS B 122 27.09 9.60 -34.51
C LYS B 122 28.41 10.29 -34.80
N SER B 123 28.39 11.35 -35.60
CA SER B 123 29.63 12.06 -35.99
C SER B 123 30.27 12.64 -34.75
N CYS B 124 29.45 13.24 -33.87
CA CYS B 124 30.02 13.80 -32.65
C CYS B 124 30.60 12.69 -31.75
N HIS B 125 29.88 11.57 -31.65
CA HIS B 125 30.34 10.46 -30.80
C HIS B 125 31.65 9.86 -31.26
N GLU B 126 31.79 9.71 -32.57
CA GLU B 126 33.00 9.13 -33.14
C GLU B 126 34.22 9.94 -32.76
N LYS B 127 34.08 11.25 -32.79
CA LYS B 127 35.17 12.16 -32.44
C LYS B 127 35.40 12.33 -30.95
N TYR B 128 34.30 12.46 -30.22
CA TYR B 128 34.35 13.02 -28.86
C TYR B 128 33.76 12.18 -27.73
N ARG B 129 33.24 11.00 -28.01
CA ARG B 129 32.71 10.13 -26.96
C ARG B 129 33.42 8.78 -26.91
N ALA B 130 33.88 8.40 -25.71
CA ALA B 130 34.57 7.14 -25.50
C ALA B 130 33.65 5.97 -25.78
N LYS B 131 34.18 4.93 -26.41
CA LYS B 131 33.38 3.73 -26.67
C LYS B 131 33.01 3.02 -25.37
N ALA C 1 19.64 -13.72 15.70
CA ALA C 1 19.39 -13.95 17.16
C ALA C 1 17.89 -14.28 17.43
N GLY C 2 17.17 -14.65 16.38
CA GLY C 2 15.76 -15.00 16.46
C GLY C 2 15.47 -15.75 15.19
N LEU C 3 14.19 -15.91 14.92
CA LEU C 3 13.77 -16.59 13.72
C LEU C 3 14.01 -15.70 12.52
N SER C 4 14.47 -16.31 11.44
CA SER C 4 14.58 -15.61 10.16
C SER C 4 13.18 -15.27 9.65
N PRO C 5 13.07 -14.31 8.73
CA PRO C 5 11.77 -14.02 8.15
C PRO C 5 11.09 -15.26 7.56
N GLU C 6 11.86 -16.10 6.88
CA GLU C 6 11.36 -17.33 6.33
C GLU C 6 10.81 -18.24 7.45
N GLU C 7 11.58 -18.38 8.51
CA GLU C 7 11.17 -19.21 9.66
C GLU C 7 9.90 -18.65 10.33
N GLN C 8 9.78 -17.33 10.38
CA GLN C 8 8.59 -16.70 10.98
C GLN C 8 7.33 -17.01 10.18
N ILE C 9 7.44 -16.92 8.87
CA ILE C 9 6.31 -17.23 7.99
C ILE C 9 5.94 -18.70 8.10
N GLU C 10 6.95 -19.58 8.01
CA GLU C 10 6.70 -21.02 8.15
C GLU C 10 6.04 -21.35 9.49
N THR C 11 6.49 -20.70 10.57
CA THR C 11 5.99 -21.02 11.88
C THR C 11 4.56 -20.51 12.08
N ARG C 12 4.26 -19.31 11.61
CA ARG C 12 2.89 -18.83 11.78
C ARG C 12 1.95 -19.67 10.93
N GLN C 13 2.37 -20.03 9.72
CA GLN C 13 1.57 -20.90 8.89
C GLN C 13 1.33 -22.26 9.56
N ALA C 14 2.35 -22.79 10.24
CA ALA C 14 2.19 -24.04 10.97
C ALA C 14 1.14 -23.94 12.06
N GLY C 15 1.18 -22.87 12.85
CA GLY C 15 0.19 -22.68 13.89
C GLY C 15 -1.23 -22.62 13.33
N TYR C 16 -1.42 -21.88 12.24
CA TYR C 16 -2.73 -21.77 11.62
C TYR C 16 -3.20 -23.10 11.05
N GLU C 17 -2.31 -23.79 10.35
CA GLU C 17 -2.65 -25.07 9.76
C GLU C 17 -3.07 -26.05 10.85
N PHE C 18 -2.32 -26.06 11.96
CA PHE C 18 -2.63 -26.99 13.03
C PHE C 18 -3.95 -26.65 13.73
N MET C 19 -4.25 -25.35 13.88
CA MET C 19 -5.57 -24.96 14.36
C MET C 19 -6.67 -25.44 13.42
N GLY C 20 -6.44 -25.32 12.12
CA GLY C 20 -7.40 -25.76 11.13
C GLY C 20 -7.74 -27.24 11.24
N TRP C 21 -6.72 -28.06 11.47
CA TRP C 21 -6.92 -29.49 11.68
C TRP C 21 -7.81 -29.75 12.89
N ASN C 22 -7.52 -29.05 13.97
CA ASN C 22 -8.29 -29.23 15.19
C ASN C 22 -9.72 -28.70 15.08
N MET C 23 -9.91 -27.60 14.35
CA MET C 23 -11.26 -27.12 14.06
C MET C 23 -12.04 -28.19 13.31
N GLY C 24 -11.38 -28.81 12.34
CA GLY C 24 -12.03 -29.84 11.54
C GLY C 24 -12.44 -31.05 12.36
N LYS C 25 -11.63 -31.42 13.35
CA LYS C 25 -12.01 -32.49 14.26
C LYS C 25 -13.24 -32.12 15.08
N ILE C 26 -13.32 -30.88 15.54
CA ILE C 26 -14.51 -30.46 16.32
C ILE C 26 -15.76 -30.55 15.44
N LYS C 27 -15.64 -30.06 14.22
CA LYS C 27 -16.76 -30.10 13.28
C LYS C 27 -17.21 -31.53 13.05
N ALA C 28 -16.27 -32.44 12.86
CA ALA C 28 -16.58 -33.85 12.62
C ALA C 28 -17.33 -34.45 13.80
N ASN C 29 -16.88 -34.12 15.01
CA ASN C 29 -17.54 -34.61 16.22
C ASN C 29 -18.97 -34.07 16.35
N LEU C 30 -19.17 -32.80 15.98
CA LEU C 30 -20.49 -32.18 16.06
C LEU C 30 -21.47 -32.74 15.02
N GLU C 31 -20.95 -33.10 13.86
CA GLU C 31 -21.80 -33.59 12.77
C GLU C 31 -22.02 -35.10 12.86
N GLY C 32 -21.19 -35.80 13.63
CA GLY C 32 -21.27 -37.26 13.70
C GLY C 32 -21.46 -37.73 15.12
N GLU C 33 -20.61 -38.65 15.56
CA GLU C 33 -20.68 -39.19 16.91
C GLU C 33 -19.73 -38.44 17.85
N TYR C 34 -20.30 -37.72 18.80
CA TYR C 34 -19.57 -36.78 19.63
C TYR C 34 -18.69 -37.49 20.66
N ASN C 35 -17.40 -37.17 20.63
CA ASN C 35 -16.41 -37.69 21.57
C ASN C 35 -15.92 -36.50 22.39
N ALA C 36 -16.38 -36.42 23.64
CA ALA C 36 -16.13 -35.25 24.48
C ALA C 36 -14.65 -34.97 24.73
N ALA C 37 -13.90 -36.02 25.05
CA ALA C 37 -12.45 -35.88 25.31
C ALA C 37 -11.72 -35.38 24.07
N GLN C 38 -12.10 -35.88 22.91
CA GLN C 38 -11.49 -35.49 21.64
C GLN C 38 -11.74 -34.01 21.34
N VAL C 39 -12.97 -33.57 21.56
CA VAL C 39 -13.33 -32.17 21.34
C VAL C 39 -12.60 -31.26 22.32
N GLU C 40 -12.53 -31.69 23.57
CA GLU C 40 -11.81 -30.94 24.59
C GLU C 40 -10.33 -30.78 24.21
N ALA C 41 -9.70 -31.85 23.76
CA ALA C 41 -8.30 -31.79 23.35
C ALA C 41 -8.09 -30.85 22.16
N ALA C 42 -9.01 -30.90 21.20
CA ALA C 42 -8.93 -30.02 20.05
C ALA C 42 -9.13 -28.55 20.44
N ALA C 43 -10.12 -28.30 21.29
CA ALA C 43 -10.39 -26.93 21.75
C ALA C 43 -9.21 -26.38 22.52
N ASN C 44 -8.55 -27.25 23.30
CA ASN C 44 -7.38 -26.81 24.05
C ASN C 44 -6.25 -26.36 23.15
N VAL C 45 -6.10 -27.02 22.00
CA VAL C 45 -5.09 -26.60 21.04
C VAL C 45 -5.44 -25.21 20.49
N ILE C 46 -6.69 -25.01 20.12
CA ILE C 46 -7.10 -23.75 19.53
C ILE C 46 -6.87 -22.61 20.53
N ALA C 47 -7.24 -22.84 21.78
CA ALA C 47 -7.03 -21.80 22.81
C ALA C 47 -5.56 -21.54 23.07
N ALA C 48 -4.77 -22.61 23.14
CA ALA C 48 -3.34 -22.44 23.41
C ALA C 48 -2.65 -21.69 22.28
N ILE C 49 -2.97 -22.05 21.04
CA ILE C 49 -2.35 -21.35 19.91
C ILE C 49 -2.83 -19.89 19.83
N ALA C 50 -4.12 -19.66 20.06
CA ALA C 50 -4.65 -18.29 20.11
C ALA C 50 -3.91 -17.41 21.12
N ASN C 51 -3.48 -18.04 22.23
CA ASN C 51 -2.74 -17.34 23.30
C ASN C 51 -1.21 -17.37 23.20
N SER C 52 -0.67 -17.91 22.10
CA SER C 52 0.77 -18.18 21.99
C SER C 52 1.66 -17.02 21.57
N GLY C 53 1.09 -15.82 21.34
CA GLY C 53 1.92 -14.67 20.97
C GLY C 53 2.50 -14.73 19.56
N MET C 54 1.64 -15.06 18.61
CA MET C 54 2.07 -15.19 17.23
C MET C 54 2.47 -13.86 16.60
N GLY C 55 2.18 -12.76 17.27
CA GLY C 55 2.63 -11.46 16.81
C GLY C 55 4.12 -11.42 16.60
N ALA C 56 4.86 -12.20 17.39
CA ALA C 56 6.30 -12.27 17.27
C ALA C 56 6.75 -12.88 15.95
N LEU C 57 5.81 -13.48 15.22
CA LEU C 57 6.07 -14.13 13.94
C LEU C 57 5.72 -13.24 12.77
N TYR C 58 5.37 -11.99 13.06
CA TYR C 58 5.04 -11.01 12.02
C TYR C 58 6.05 -9.88 12.00
N GLY C 59 7.33 -10.27 11.97
CA GLY C 59 8.45 -9.33 11.99
C GLY C 59 8.60 -8.60 10.65
N PRO C 60 9.47 -7.60 10.58
CA PRO C 60 9.54 -6.63 9.46
C PRO C 60 9.86 -7.18 8.02
N GLY C 61 10.49 -8.34 7.91
CA GLY C 61 10.83 -8.93 6.60
C GLY C 61 9.82 -9.94 6.09
N THR C 62 8.66 -10.01 6.75
CA THR C 62 7.71 -11.11 6.51
C THR C 62 6.43 -10.70 5.77
N ASP C 63 6.42 -9.52 5.18
CA ASP C 63 5.27 -9.04 4.42
C ASP C 63 5.24 -9.54 2.97
N LYS C 64 6.32 -10.18 2.53
CA LYS C 64 6.45 -10.65 1.15
C LYS C 64 7.06 -12.05 1.08
N ASN C 65 6.95 -12.70 -0.07
CA ASN C 65 7.52 -14.04 -0.22
C ASN C 65 9.03 -13.97 -0.01
N VAL C 66 9.56 -14.97 0.68
CA VAL C 66 10.98 -15.04 1.00
C VAL C 66 11.51 -16.42 0.65
N GLY C 67 12.65 -16.45 -0.04
CA GLY C 67 13.21 -17.72 -0.48
C GLY C 67 12.18 -18.50 -1.27
N ASP C 68 11.91 -19.74 -0.87
CA ASP C 68 10.88 -20.55 -1.52
C ASP C 68 9.56 -20.50 -0.76
N VAL C 69 9.52 -19.67 0.28
CA VAL C 69 8.34 -19.61 1.14
C VAL C 69 7.43 -18.47 0.71
N LYS C 70 6.17 -18.79 0.52
CA LYS C 70 5.19 -17.81 0.08
C LYS C 70 4.29 -17.47 1.24
N THR C 71 3.93 -16.20 1.34
CA THR C 71 3.00 -15.74 2.38
C THR C 71 1.74 -15.17 1.75
N ARG C 72 0.64 -15.28 2.47
CA ARG C 72 -0.65 -14.75 2.04
C ARG C 72 -1.10 -13.54 2.87
N VAL C 73 -0.21 -13.03 3.72
CA VAL C 73 -0.59 -11.88 4.55
C VAL C 73 -0.75 -10.64 3.68
N LYS C 74 -1.78 -9.86 3.99
CA LYS C 74 -1.97 -8.55 3.37
C LYS C 74 -1.23 -7.48 4.17
N PRO C 75 -0.64 -6.50 3.48
CA PRO C 75 0.17 -5.48 4.17
C PRO C 75 -0.60 -4.75 5.29
N GLU C 76 -1.92 -4.61 5.12
CA GLU C 76 -2.78 -3.91 6.10
C GLU C 76 -2.76 -4.52 7.48
N PHE C 77 -2.41 -5.81 7.57
CA PHE C 77 -2.39 -6.51 8.83
C PHE C 77 -1.46 -5.87 9.84
N PHE C 78 -0.27 -5.51 9.38
CA PHE C 78 0.82 -5.09 10.27
C PHE C 78 0.55 -3.83 11.08
N GLN C 79 -0.26 -2.93 10.56
CA GLN C 79 -0.48 -1.65 11.27
C GLN C 79 -1.31 -1.81 12.55
N ASN C 80 -1.92 -2.98 12.69
CA ASN C 80 -2.66 -3.29 13.92
C ASN C 80 -1.83 -3.80 15.11
N MET C 81 -0.52 -3.98 14.88
CA MET C 81 0.42 -4.41 15.92
C MET C 81 0.94 -3.27 16.77
N GLU C 82 1.16 -3.61 18.04
CA GLU C 82 1.73 -2.70 19.02
C GLU C 82 2.76 -3.41 19.87
N ASP C 83 3.72 -2.64 20.34
CA ASP C 83 4.72 -3.14 21.24
C ASP C 83 4.03 -3.40 22.59
N VAL C 84 3.94 -4.67 22.97
CA VAL C 84 3.38 -5.12 24.24
C VAL C 84 4.45 -5.60 25.21
N GLY C 85 5.71 -5.27 24.91
CA GLY C 85 6.84 -5.62 25.73
C GLY C 85 6.85 -4.91 27.08
N LYS C 86 7.71 -5.42 27.94
CA LYS C 86 7.83 -4.97 29.31
C LYS C 86 8.16 -3.48 29.43
N ILE C 87 9.12 -3.02 28.64
CA ILE C 87 9.55 -1.64 28.74
C ILE C 87 8.46 -0.68 28.25
N ALA C 88 7.78 -1.05 27.17
CA ALA C 88 6.70 -0.23 26.64
C ALA C 88 5.59 -0.08 27.67
N ARG C 89 5.27 -1.18 28.35
CA ARG C 89 4.24 -1.12 29.36
C ARG C 89 4.69 -0.26 30.54
N GLU C 90 5.96 -0.37 30.91
CA GLU C 90 6.52 0.48 31.97
C GLU C 90 6.42 1.93 31.56
N PHE C 91 6.74 2.21 30.30
CA PHE C 91 6.74 3.58 29.79
C PHE C 91 5.35 4.18 29.80
N VAL C 92 4.38 3.46 29.28
CA VAL C 92 3.01 3.99 29.22
C VAL C 92 2.50 4.27 30.62
N GLY C 93 2.73 3.33 31.54
CA GLY C 93 2.32 3.52 32.93
C GLY C 93 2.98 4.73 33.55
N ALA C 94 4.28 4.87 33.31
CA ALA C 94 5.03 5.98 33.86
C ALA C 94 4.59 7.31 33.26
N ALA C 95 4.33 7.34 31.96
CA ALA C 95 3.90 8.56 31.28
C ALA C 95 2.51 8.99 31.76
N ASN C 96 1.60 8.03 31.90
CA ASN C 96 0.28 8.33 32.43
C ASN C 96 0.35 8.93 33.83
N THR C 97 1.20 8.35 34.66
CA THR C 97 1.38 8.85 36.02
C THR C 97 1.96 10.25 36.02
N LEU C 98 2.94 10.51 35.16
CA LEU C 98 3.53 11.84 35.08
C LEU C 98 2.49 12.90 34.74
N ALA C 99 1.59 12.60 33.81
CA ALA C 99 0.53 13.54 33.45
C ALA C 99 -0.44 13.77 34.61
N GLU C 100 -0.81 12.69 35.28
CA GLU C 100 -1.66 12.79 36.47
C GLU C 100 -1.06 13.67 37.56
N VAL C 101 0.20 13.40 37.89
CA VAL C 101 0.88 14.13 38.94
C VAL C 101 1.08 15.60 38.52
N ALA C 102 1.40 15.83 37.25
CA ALA C 102 1.62 17.18 36.75
C ALA C 102 0.36 18.04 36.89
N ALA C 103 -0.81 17.42 36.74
CA ALA C 103 -2.08 18.13 36.87
C ALA C 103 -2.32 18.65 38.29
N THR C 104 -1.66 18.05 39.29
CA THR C 104 -1.78 18.51 40.68
C THR C 104 -0.94 19.76 40.97
N GLY C 105 0.07 20.00 40.13
CA GLY C 105 0.94 21.16 40.28
C GLY C 105 2.06 20.98 41.28
N GLU C 106 2.17 19.79 41.87
CA GLU C 106 3.14 19.56 42.95
C GLU C 106 4.51 19.18 42.37
N ALA C 107 5.45 20.12 42.41
CA ALA C 107 6.76 19.93 41.78
C ALA C 107 7.54 18.72 42.30
N GLU C 108 7.49 18.47 43.61
CA GLU C 108 8.27 17.35 44.16
C GLU C 108 7.75 16.00 43.68
N ALA C 109 6.44 15.86 43.57
CA ALA C 109 5.83 14.64 43.06
C ALA C 109 6.16 14.48 41.56
N VAL C 110 6.11 15.61 40.84
CA VAL C 110 6.47 15.60 39.41
C VAL C 110 7.92 15.15 39.23
N LYS C 111 8.81 15.64 40.08
CA LYS C 111 10.23 15.26 39.98
C LYS C 111 10.38 13.74 40.02
N THR C 112 9.68 13.10 40.95
CA THR C 112 9.73 11.64 41.08
C THR C 112 9.13 10.94 39.85
N ALA C 113 7.96 11.41 39.42
CA ALA C 113 7.30 10.85 38.24
C ALA C 113 8.09 11.05 36.96
N PHE C 114 8.74 12.21 36.86
CA PHE C 114 9.61 12.53 35.74
C PHE C 114 10.79 11.56 35.66
N GLY C 115 11.40 11.27 36.80
CA GLY C 115 12.52 10.32 36.85
C GLY C 115 12.13 8.93 36.39
N ASP C 116 10.94 8.48 36.76
CA ASP C 116 10.46 7.17 36.34
C ASP C 116 10.27 7.12 34.82
N VAL C 117 9.74 8.20 34.23
CA VAL C 117 9.60 8.24 32.77
C VAL C 117 10.96 8.20 32.11
N GLY C 118 11.88 9.05 32.57
CA GLY C 118 13.23 9.11 32.01
C GLY C 118 13.93 7.76 32.01
N ALA C 119 13.75 7.00 33.09
CA ALA C 119 14.34 5.66 33.19
C ALA C 119 13.77 4.72 32.13
N ALA C 120 12.49 4.84 31.82
CA ALA C 120 11.87 4.02 30.79
C ALA C 120 12.40 4.38 29.41
N CYS C 121 12.56 5.66 29.11
CA CYS C 121 13.16 6.07 27.81
C CYS C 121 14.52 5.41 27.66
N LYS C 122 15.34 5.59 28.70
CA LYS C 122 16.72 5.13 28.68
C LYS C 122 16.83 3.61 28.58
N SER C 123 15.96 2.91 29.29
CA SER C 123 16.06 1.46 29.31
C SER C 123 15.71 0.88 27.95
N CYS C 124 14.73 1.47 27.26
CA CYS C 124 14.40 0.99 25.92
C CYS C 124 15.55 1.26 24.95
N HIS C 125 16.17 2.43 25.07
CA HIS C 125 17.28 2.78 24.19
C HIS C 125 18.48 1.86 24.36
N GLU C 126 18.80 1.55 25.60
CA GLU C 126 19.94 0.70 25.89
C GLU C 126 19.79 -0.66 25.22
N LYS C 127 18.58 -1.21 25.27
CA LYS C 127 18.30 -2.51 24.67
C LYS C 127 17.98 -2.50 23.18
N TYR C 128 17.29 -1.48 22.70
CA TYR C 128 16.70 -1.55 21.36
C TYR C 128 17.03 -0.40 20.40
N ARG C 129 17.89 0.52 20.81
CA ARG C 129 18.30 1.62 19.93
C ARG C 129 19.81 1.60 19.74
N ALA C 130 20.24 1.60 18.48
CA ALA C 130 21.66 1.59 18.16
C ALA C 130 22.32 2.88 18.65
N LYS C 131 23.54 2.75 19.13
CA LYS C 131 24.36 3.92 19.42
C LYS C 131 25.16 4.35 18.19
N ALA D 1 -13.61 -36.73 3.55
CA ALA D 1 -13.65 -38.05 4.26
C ALA D 1 -12.27 -38.44 4.80
N GLY D 2 -11.78 -37.58 5.64
CA GLY D 2 -10.52 -37.75 6.32
C GLY D 2 -9.36 -37.09 5.60
N LEU D 3 -8.24 -36.87 6.29
CA LEU D 3 -7.08 -36.22 5.70
C LEU D 3 -6.39 -37.16 4.73
N SER D 4 -5.97 -36.62 3.59
CA SER D 4 -5.15 -37.37 2.65
C SER D 4 -3.79 -37.65 3.29
N PRO D 5 -3.06 -38.61 2.76
CA PRO D 5 -1.71 -38.86 3.29
C PRO D 5 -0.85 -37.61 3.27
N GLU D 6 -0.92 -36.86 2.19
CA GLU D 6 -0.18 -35.63 2.07
C GLU D 6 -0.60 -34.64 3.18
N GLU D 7 -1.90 -34.51 3.40
CA GLU D 7 -2.41 -33.62 4.44
C GLU D 7 -1.97 -34.08 5.83
N GLN D 8 -1.90 -35.39 6.04
CA GLN D 8 -1.47 -35.92 7.33
C GLN D 8 -0.03 -35.57 7.63
N ILE D 9 0.83 -35.70 6.63
CA ILE D 9 2.23 -35.37 6.76
C ILE D 9 2.38 -33.86 7.03
N GLU D 10 1.71 -33.05 6.23
CA GLU D 10 1.78 -31.59 6.41
C GLU D 10 1.33 -31.18 7.80
N THR D 11 0.28 -31.82 8.27
CA THR D 11 -0.30 -31.43 9.55
C THR D 11 0.57 -31.85 10.71
N ARG D 12 1.12 -33.06 10.67
CA ARG D 12 1.99 -33.45 11.75
C ARG D 12 3.25 -32.58 11.76
N GLN D 13 3.80 -32.28 10.59
CA GLN D 13 4.95 -31.40 10.54
C GLN D 13 4.63 -30.03 11.13
N ALA D 14 3.44 -29.53 10.86
CA ALA D 14 3.04 -28.23 11.40
C ALA D 14 3.02 -28.26 12.93
N GLY D 15 2.46 -29.32 13.51
CA GLY D 15 2.39 -29.41 14.96
C GLY D 15 3.77 -29.44 15.59
N TYR D 16 4.67 -30.23 14.99
CA TYR D 16 6.03 -30.32 15.50
C TYR D 16 6.77 -29.00 15.40
N GLU D 17 6.66 -28.36 14.23
CA GLU D 17 7.32 -27.10 14.01
C GLU D 17 6.84 -26.07 15.04
N PHE D 18 5.53 -26.03 15.28
CA PHE D 18 4.99 -25.05 16.21
C PHE D 18 5.42 -25.35 17.65
N MET D 19 5.50 -26.63 18.01
CA MET D 19 6.06 -26.97 19.32
C MET D 19 7.52 -26.54 19.46
N GLY D 20 8.29 -26.72 18.38
CA GLY D 20 9.68 -26.33 18.38
C GLY D 20 9.85 -24.85 18.66
N TRP D 21 9.01 -24.04 18.04
CA TRP D 21 9.07 -22.60 18.26
C TRP D 21 8.81 -22.26 19.71
N ASN D 22 7.79 -22.89 20.28
CA ASN D 22 7.46 -22.63 21.67
C ASN D 22 8.52 -23.13 22.64
N MET D 23 9.16 -24.26 22.34
CA MET D 23 10.29 -24.73 23.15
C MET D 23 11.41 -23.70 23.13
N GLY D 24 11.68 -23.16 21.95
CA GLY D 24 12.72 -22.12 21.80
C GLY D 24 12.43 -20.88 22.61
N LYS D 25 11.17 -20.50 22.70
CA LYS D 25 10.81 -19.36 23.54
C LYS D 25 11.07 -19.64 25.02
N ILE D 26 10.77 -20.85 25.46
CA ILE D 26 11.01 -21.20 26.88
C ILE D 26 12.50 -21.13 27.16
N LYS D 27 13.30 -21.69 26.25
CA LYS D 27 14.74 -21.66 26.41
C LYS D 27 15.25 -20.20 26.50
N ALA D 28 14.75 -19.34 25.63
CA ALA D 28 15.14 -17.93 25.62
C ALA D 28 14.82 -17.24 26.93
N ASN D 29 13.63 -17.52 27.47
CA ASN D 29 13.24 -16.96 28.76
C ASN D 29 14.12 -17.43 29.92
N LEU D 30 14.49 -18.71 29.89
CA LEU D 30 15.35 -19.29 30.90
C LEU D 30 16.77 -18.70 30.86
N GLU D 31 17.24 -18.36 29.68
CA GLU D 31 18.61 -17.87 29.52
C GLU D 31 18.71 -16.35 29.55
N GLY D 32 17.58 -15.66 29.48
CA GLY D 32 17.58 -14.21 29.47
C GLY D 32 16.72 -13.68 30.61
N GLU D 33 15.83 -12.76 30.28
CA GLU D 33 14.93 -12.17 31.26
C GLU D 33 13.62 -12.94 31.25
N TYR D 34 13.34 -13.62 32.36
CA TYR D 34 12.23 -14.55 32.45
C TYR D 34 10.90 -13.82 32.50
N ASN D 35 10.01 -14.19 31.54
CA ASN D 35 8.66 -13.65 31.49
C ASN D 35 7.73 -14.83 31.79
N ALA D 36 7.14 -14.81 32.97
CA ALA D 36 6.35 -15.96 33.45
C ALA D 36 5.13 -16.26 32.61
N ALA D 37 4.41 -15.22 32.22
CA ALA D 37 3.21 -15.39 31.38
C ALA D 37 3.58 -15.97 30.00
N GLN D 38 4.69 -15.49 29.44
CA GLN D 38 5.16 -15.97 28.14
C GLN D 38 5.52 -17.45 28.20
N VAL D 39 6.22 -17.84 29.26
CA VAL D 39 6.59 -19.25 29.43
C VAL D 39 5.37 -20.14 29.65
N GLU D 40 4.41 -19.66 30.44
CA GLU D 40 3.17 -20.37 30.67
C GLU D 40 2.44 -20.59 29.34
N ALA D 41 2.34 -19.54 28.51
CA ALA D 41 1.65 -19.65 27.23
C ALA D 41 2.35 -20.65 26.32
N ALA D 42 3.68 -20.61 26.29
CA ALA D 42 4.45 -21.56 25.47
C ALA D 42 4.27 -22.98 25.96
N ALA D 43 4.35 -23.17 27.27
CA ALA D 43 4.17 -24.51 27.84
C ALA D 43 2.77 -25.05 27.56
N ASN D 44 1.77 -24.17 27.58
CA ASN D 44 0.41 -24.58 27.30
C ASN D 44 0.26 -25.10 25.86
N VAL D 45 0.97 -24.46 24.93
CA VAL D 45 0.97 -24.95 23.55
C VAL D 45 1.55 -26.36 23.50
N ILE D 46 2.68 -26.56 24.18
CA ILE D 46 3.37 -27.85 24.09
C ILE D 46 2.47 -28.94 24.67
N ALA D 47 1.84 -28.65 25.80
CA ALA D 47 0.94 -29.62 26.41
C ALA D 47 -0.27 -29.90 25.54
N ALA D 48 -0.86 -28.84 24.96
CA ALA D 48 -2.04 -29.03 24.14
C ALA D 48 -1.72 -29.85 22.90
N ILE D 49 -0.62 -29.54 22.25
CA ILE D 49 -0.25 -30.32 21.08
C ILE D 49 0.10 -31.76 21.45
N ALA D 50 0.81 -31.95 22.55
CA ALA D 50 1.15 -33.31 23.01
C ALA D 50 -0.11 -34.14 23.23
N ASN D 51 -1.18 -33.48 23.67
CA ASN D 51 -2.46 -34.12 23.94
C ASN D 51 -3.44 -34.17 22.75
N SER D 52 -3.00 -33.71 21.58
CA SER D 52 -3.91 -33.47 20.47
C SER D 52 -4.20 -34.69 19.59
N GLY D 53 -3.61 -35.84 19.92
CA GLY D 53 -3.83 -37.05 19.15
C GLY D 53 -3.18 -37.03 17.80
N MET D 54 -1.91 -36.63 17.75
CA MET D 54 -1.16 -36.62 16.49
C MET D 54 -0.91 -38.03 15.93
N GLY D 55 -1.14 -39.07 16.73
CA GLY D 55 -1.06 -40.44 16.21
C GLY D 55 -1.98 -40.68 15.01
N ALA D 56 -3.09 -39.95 14.98
CA ALA D 56 -4.05 -40.04 13.87
C ALA D 56 -3.48 -39.53 12.54
N LEU D 57 -2.35 -38.84 12.61
CA LEU D 57 -1.70 -38.27 11.43
C LEU D 57 -0.61 -39.20 10.86
N TYR D 58 -0.53 -40.42 11.40
CA TYR D 58 0.42 -41.44 10.91
C TYR D 58 -0.35 -42.60 10.29
N GLY D 59 -1.28 -42.26 9.41
CA GLY D 59 -2.07 -43.24 8.70
C GLY D 59 -1.29 -44.00 7.64
N PRO D 60 -1.92 -45.04 7.05
CA PRO D 60 -1.30 -45.78 5.97
C PRO D 60 -0.98 -44.83 4.80
N GLY D 61 0.14 -45.08 4.14
CA GLY D 61 0.54 -44.26 3.01
C GLY D 61 1.31 -43.00 3.38
N THR D 62 1.58 -42.80 4.67
CA THR D 62 2.35 -41.62 5.11
C THR D 62 3.78 -41.93 5.52
N ASP D 63 4.27 -43.11 5.11
CA ASP D 63 5.64 -43.53 5.41
C ASP D 63 6.67 -43.04 4.39
N LYS D 64 6.23 -42.47 3.29
CA LYS D 64 7.13 -42.07 2.18
C LYS D 64 6.70 -40.72 1.67
N ASN D 65 7.58 -40.08 0.91
CA ASN D 65 7.26 -38.80 0.30
C ASN D 65 6.03 -38.96 -0.62
N VAL D 66 5.13 -37.99 -0.57
CA VAL D 66 3.88 -38.03 -1.32
C VAL D 66 3.70 -36.69 -2.04
N GLY D 67 3.34 -36.74 -3.32
CA GLY D 67 3.20 -35.51 -4.11
C GLY D 67 4.48 -34.72 -4.03
N ASP D 68 4.39 -33.45 -3.64
CA ASP D 68 5.60 -32.63 -3.44
C ASP D 68 6.01 -32.56 -1.97
N VAL D 69 5.32 -33.33 -1.13
CA VAL D 69 5.55 -33.29 0.31
C VAL D 69 6.57 -34.35 0.68
N LYS D 70 7.59 -33.94 1.41
CA LYS D 70 8.61 -34.88 1.87
C LYS D 70 8.44 -35.13 3.37
N THR D 71 8.63 -36.36 3.80
CA THR D 71 8.57 -36.71 5.21
C THR D 71 9.94 -37.16 5.71
N ARG D 72 10.18 -36.93 7.00
CA ARG D 72 11.40 -37.37 7.67
C ARG D 72 11.13 -38.54 8.62
N VAL D 73 9.95 -39.12 8.59
CA VAL D 73 9.68 -40.28 9.43
C VAL D 73 10.50 -41.46 8.93
N LYS D 74 11.07 -42.22 9.86
CA LYS D 74 11.80 -43.42 9.49
C LYS D 74 10.80 -44.57 9.36
N PRO D 75 11.03 -45.47 8.38
CA PRO D 75 10.11 -46.57 8.15
C PRO D 75 9.86 -47.43 9.41
N GLU D 76 10.85 -47.52 10.30
CA GLU D 76 10.74 -48.29 11.56
C GLU D 76 9.58 -47.86 12.46
N PHE D 77 9.17 -46.61 12.32
CA PHE D 77 8.10 -46.06 13.15
C PHE D 77 6.85 -46.94 13.02
N PHE D 78 6.52 -47.30 11.79
CA PHE D 78 5.26 -48.01 11.49
C PHE D 78 5.28 -49.47 11.95
N GLN D 79 6.48 -49.99 12.09
CA GLN D 79 6.69 -51.36 12.57
C GLN D 79 6.87 -51.44 14.08
N ASN D 80 6.89 -50.30 14.77
CA ASN D 80 7.06 -50.25 16.21
C ASN D 80 5.99 -49.42 16.88
N MET D 81 4.76 -49.63 16.42
CA MET D 81 3.67 -48.79 16.91
C MET D 81 3.40 -48.89 18.41
N GLU D 82 3.72 -50.03 19.01
CA GLU D 82 3.51 -50.18 20.45
C GLU D 82 4.50 -49.30 21.20
N ASP D 83 5.75 -49.22 20.74
CA ASP D 83 6.75 -48.39 21.41
C ASP D 83 6.46 -46.92 21.12
N VAL D 84 6.02 -46.61 19.91
CA VAL D 84 5.75 -45.21 19.59
C VAL D 84 4.64 -44.74 20.54
N GLY D 85 3.70 -45.65 20.80
CA GLY D 85 2.62 -45.39 21.71
C GLY D 85 3.11 -45.06 23.09
N LYS D 86 4.02 -45.87 23.61
CA LYS D 86 4.62 -45.66 24.93
C LYS D 86 5.33 -44.32 25.04
N ILE D 87 6.14 -43.99 24.05
CA ILE D 87 6.92 -42.74 24.09
C ILE D 87 6.00 -41.54 24.01
N ALA D 88 4.95 -41.64 23.20
CA ALA D 88 3.99 -40.55 23.07
C ALA D 88 3.28 -40.31 24.40
N ARG D 89 2.93 -41.38 25.09
CA ARG D 89 2.29 -41.24 26.39
C ARG D 89 3.27 -40.65 27.41
N GLU D 90 4.53 -41.06 27.35
CA GLU D 90 5.57 -40.46 28.22
C GLU D 90 5.72 -38.95 27.92
N PHE D 91 5.69 -38.59 26.65
CA PHE D 91 5.83 -37.18 26.26
C PHE D 91 4.64 -36.36 26.80
N VAL D 92 3.43 -36.92 26.71
CA VAL D 92 2.26 -36.30 27.32
C VAL D 92 2.45 -36.02 28.81
N GLY D 93 2.96 -36.98 29.55
CA GLY D 93 3.23 -36.76 30.98
C GLY D 93 4.21 -35.63 31.23
N ALA D 94 5.29 -35.61 30.46
CA ALA D 94 6.31 -34.58 30.63
C ALA D 94 5.75 -33.20 30.26
N ALA D 95 5.00 -33.15 29.16
CA ALA D 95 4.45 -31.89 28.70
C ALA D 95 3.41 -31.35 29.70
N ASN D 96 2.59 -32.25 30.24
CA ASN D 96 1.63 -31.85 31.27
C ASN D 96 2.34 -31.26 32.47
N THR D 97 3.41 -31.90 32.90
CA THR D 97 4.17 -31.40 34.05
C THR D 97 4.79 -30.04 33.76
N LEU D 98 5.34 -29.86 32.56
CA LEU D 98 5.90 -28.57 32.19
C LEU D 98 4.84 -27.46 32.27
N ALA D 99 3.61 -27.73 31.80
CA ALA D 99 2.55 -26.71 31.86
C ALA D 99 2.16 -26.39 33.31
N GLU D 100 2.07 -27.45 34.12
CA GLU D 100 1.77 -27.29 35.54
C GLU D 100 2.80 -26.44 36.27
N VAL D 101 4.07 -26.76 36.06
CA VAL D 101 5.15 -26.03 36.71
C VAL D 101 5.23 -24.60 36.18
N ALA D 102 5.02 -24.41 34.88
CA ALA D 102 5.06 -23.08 34.28
C ALA D 102 4.00 -22.17 34.87
N ALA D 103 2.84 -22.74 35.23
CA ALA D 103 1.76 -21.95 35.84
C ALA D 103 2.15 -21.38 37.21
N THR D 104 3.13 -21.99 37.87
CA THR D 104 3.61 -21.50 39.18
C THR D 104 4.55 -20.29 39.05
N GLY D 105 5.12 -20.12 37.86
CA GLY D 105 6.00 -19.00 37.60
C GLY D 105 7.43 -19.21 38.06
N GLU D 106 7.73 -20.39 38.59
CA GLU D 106 9.05 -20.64 39.18
C GLU D 106 10.03 -21.09 38.13
N ALA D 107 10.93 -20.20 37.74
CA ALA D 107 11.88 -20.48 36.67
C ALA D 107 12.76 -21.71 36.91
N GLU D 108 13.22 -21.92 38.15
CA GLU D 108 14.12 -23.07 38.41
C GLU D 108 13.40 -24.41 38.23
N ALA D 109 12.15 -24.47 38.64
CA ALA D 109 11.33 -25.67 38.45
C ALA D 109 11.02 -25.88 36.96
N VAL D 110 10.73 -24.77 36.26
CA VAL D 110 10.48 -24.84 34.81
C VAL D 110 11.72 -25.38 34.08
N LYS D 111 12.90 -24.92 34.48
CA LYS D 111 14.14 -25.36 33.83
C LYS D 111 14.26 -26.88 33.86
N THR D 112 13.97 -27.47 35.02
CA THR D 112 14.00 -28.92 35.16
C THR D 112 12.93 -29.61 34.31
N ALA D 113 11.70 -29.11 34.39
CA ALA D 113 10.59 -29.68 33.62
C ALA D 113 10.82 -29.56 32.11
N PHE D 114 11.41 -28.43 31.71
CA PHE D 114 11.73 -28.15 30.31
C PHE D 114 12.74 -29.16 29.77
N GLY D 115 13.75 -29.45 30.58
CA GLY D 115 14.73 -30.49 30.22
C GLY D 115 14.11 -31.88 30.04
N ASP D 116 13.16 -32.25 30.89
CA ASP D 116 12.50 -33.54 30.76
C ASP D 116 11.67 -33.63 29.47
N VAL D 117 11.01 -32.55 29.11
CA VAL D 117 10.26 -32.55 27.84
C VAL D 117 11.21 -32.69 26.68
N GLY D 118 12.29 -31.90 26.68
CA GLY D 118 13.29 -31.95 25.62
C GLY D 118 13.85 -33.34 25.42
N ALA D 119 14.10 -34.04 26.51
CA ALA D 119 14.57 -35.43 26.43
C ALA D 119 13.56 -36.36 25.76
N ALA D 120 12.27 -36.16 26.00
CA ALA D 120 11.22 -36.95 25.34
C ALA D 120 11.16 -36.67 23.84
N CYS D 121 11.26 -35.39 23.46
CA CYS D 121 11.30 -35.06 22.04
C CYS D 121 12.45 -35.81 21.39
N LYS D 122 13.61 -35.68 22.01
CA LYS D 122 14.83 -36.22 21.46
C LYS D 122 14.79 -37.74 21.34
N SER D 123 14.22 -38.42 22.34
CA SER D 123 14.21 -39.90 22.35
C SER D 123 13.41 -40.39 21.15
N CYS D 124 12.28 -39.73 20.88
CA CYS D 124 11.48 -40.18 19.75
C CYS D 124 12.24 -39.91 18.42
N HIS D 125 12.90 -38.76 18.34
CA HIS D 125 13.63 -38.40 17.12
C HIS D 125 14.77 -39.37 16.82
N GLU D 126 15.48 -39.77 17.87
CA GLU D 126 16.62 -40.66 17.71
C GLU D 126 16.18 -41.96 17.07
N LYS D 127 15.02 -42.46 17.51
CA LYS D 127 14.49 -43.72 17.01
C LYS D 127 13.80 -43.60 15.65
N TYR D 128 13.04 -42.52 15.49
CA TYR D 128 12.02 -42.47 14.43
C TYR D 128 12.05 -41.29 13.48
N ARG D 129 12.99 -40.37 13.63
CA ARG D 129 13.10 -39.23 12.72
C ARG D 129 14.46 -39.20 12.01
N ALA D 130 14.43 -39.10 10.68
CA ALA D 130 15.65 -39.03 9.88
C ALA D 130 16.45 -37.76 10.19
N LYS D 131 17.76 -37.89 10.26
CA LYS D 131 18.61 -36.71 10.48
C LYS D 131 18.64 -35.88 9.22
N ALA E 1 17.58 29.53 27.63
CA ALA E 1 17.80 28.05 27.69
C ALA E 1 18.79 27.52 26.66
N GLY E 2 18.43 27.56 25.37
CA GLY E 2 19.32 27.21 24.25
C GLY E 2 19.18 25.87 23.50
N LEU E 3 18.01 25.53 22.94
CA LEU E 3 18.03 24.74 21.70
C LEU E 3 18.71 25.64 20.70
N SER E 4 19.58 25.07 19.87
CA SER E 4 20.16 25.79 18.77
C SER E 4 19.07 26.12 17.75
N PRO E 5 19.34 27.10 16.87
CA PRO E 5 18.35 27.41 15.84
C PRO E 5 17.98 26.17 15.01
N GLU E 6 18.97 25.36 14.67
CA GLU E 6 18.75 24.11 13.94
C GLU E 6 17.83 23.21 14.72
N GLU E 7 18.12 23.03 16.01
CA GLU E 7 17.30 22.18 16.88
C GLU E 7 15.86 22.70 17.00
N GLN E 8 15.70 24.01 17.04
CA GLN E 8 14.35 24.60 17.11
C GLN E 8 13.52 24.28 15.86
N ILE E 9 14.14 24.44 14.70
CA ILE E 9 13.48 24.13 13.43
C ILE E 9 13.13 22.64 13.35
N GLU E 10 14.11 21.79 13.66
CA GLU E 10 13.87 20.34 13.66
C GLU E 10 12.75 19.94 14.61
N THR E 11 12.72 20.56 15.78
CA THR E 11 11.72 20.21 16.80
C THR E 11 10.32 20.68 16.42
N ARG E 12 10.20 21.89 15.89
CA ARG E 12 8.87 22.33 15.47
C ARG E 12 8.36 21.49 14.31
N GLN E 13 9.26 21.18 13.37
CA GLN E 13 8.85 20.32 12.26
C GLN E 13 8.40 18.93 12.76
N ALA E 14 9.07 18.42 13.78
CA ALA E 14 8.67 17.13 14.36
C ALA E 14 7.26 17.16 14.95
N GLY E 15 6.96 18.20 15.72
CA GLY E 15 5.61 18.34 16.31
C GLY E 15 4.51 18.42 15.25
N TYR E 16 4.75 19.22 14.21
CA TYR E 16 3.80 19.32 13.13
C TYR E 16 3.60 18.00 12.40
N GLU E 17 4.71 17.35 12.07
CA GLU E 17 4.65 16.09 11.33
C GLU E 17 3.84 15.07 12.14
N PHE E 18 4.09 15.01 13.45
CA PHE E 18 3.39 14.04 14.27
C PHE E 18 1.89 14.36 14.40
N MET E 19 1.54 15.65 14.47
CA MET E 19 0.11 16.03 14.42
C MET E 19 -0.54 15.59 13.11
N GLY E 20 0.18 15.79 12.01
CA GLY E 20 -0.33 15.43 10.70
C GLY E 20 -0.70 13.94 10.65
N TRP E 21 0.16 13.10 11.20
CA TRP E 21 -0.08 11.65 11.22
C TRP E 21 -1.35 11.34 11.99
N ASN E 22 -1.50 11.96 13.14
CA ASN E 22 -2.70 11.75 13.94
C ASN E 22 -3.99 12.29 13.30
N MET E 23 -3.90 13.42 12.61
CA MET E 23 -5.05 13.92 11.85
C MET E 23 -5.48 12.90 10.78
N GLY E 24 -4.49 12.32 10.11
CA GLY E 24 -4.76 11.33 9.09
C GLY E 24 -5.48 10.10 9.65
N LYS E 25 -5.10 9.71 10.86
CA LYS E 25 -5.78 8.57 11.49
C LYS E 25 -7.25 8.89 11.80
N ILE E 26 -7.52 10.12 12.23
CA ILE E 26 -8.90 10.50 12.53
C ILE E 26 -9.73 10.47 11.26
N LYS E 27 -9.17 11.03 10.19
CA LYS E 27 -9.85 11.01 8.90
C LYS E 27 -10.19 9.58 8.47
N ALA E 28 -9.23 8.66 8.62
CA ALA E 28 -9.41 7.28 8.21
C ALA E 28 -10.54 6.62 8.99
N ASN E 29 -10.58 6.89 10.29
CA ASN E 29 -11.65 6.35 11.14
C ASN E 29 -13.03 6.89 10.76
N LEU E 30 -13.09 8.16 10.41
CA LEU E 30 -14.35 8.80 9.99
C LEU E 30 -14.86 8.25 8.68
N GLU E 31 -13.95 7.89 7.80
CA GLU E 31 -14.33 7.41 6.49
C GLU E 31 -14.46 5.90 6.38
N GLY E 32 -13.99 5.17 7.38
CA GLY E 32 -14.02 3.71 7.37
C GLY E 32 -14.75 3.16 8.58
N GLU E 33 -14.12 2.21 9.28
CA GLU E 33 -14.71 1.63 10.49
C GLU E 33 -14.22 2.41 11.69
N TYR E 34 -15.15 3.11 12.35
CA TYR E 34 -14.78 4.02 13.43
C TYR E 34 -14.34 3.26 14.67
N ASN E 35 -13.13 3.57 15.13
CA ASN E 35 -12.56 3.01 16.34
C ASN E 35 -12.45 4.16 17.34
N ALA E 36 -13.33 4.18 18.32
CA ALA E 36 -13.45 5.31 19.23
C ALA E 36 -12.19 5.57 20.04
N ALA E 37 -11.59 4.51 20.56
CA ALA E 37 -10.36 4.63 21.35
C ALA E 37 -9.22 5.19 20.52
N GLN E 38 -9.13 4.73 19.27
CA GLN E 38 -8.07 5.18 18.35
C GLN E 38 -8.22 6.67 18.05
N VAL E 39 -9.44 7.09 17.78
CA VAL E 39 -9.71 8.51 17.52
C VAL E 39 -9.43 9.37 18.75
N GLU E 40 -9.82 8.87 19.93
CA GLU E 40 -9.57 9.58 21.18
C GLU E 40 -8.06 9.76 21.39
N ALA E 41 -7.29 8.70 21.16
CA ALA E 41 -5.84 8.78 21.33
C ALA E 41 -5.22 9.78 20.34
N ALA E 42 -5.69 9.76 19.11
CA ALA E 42 -5.19 10.70 18.09
C ALA E 42 -5.54 12.13 18.43
N ALA E 43 -6.78 12.35 18.85
CA ALA E 43 -7.23 13.68 19.24
C ALA E 43 -6.45 14.20 20.45
N ASN E 44 -6.12 13.31 21.39
CA ASN E 44 -5.34 13.73 22.54
C ASN E 44 -3.94 14.21 22.16
N VAL E 45 -3.35 13.57 21.15
CA VAL E 45 -2.05 14.05 20.66
C VAL E 45 -2.19 15.46 20.09
N ILE E 46 -3.23 15.68 19.28
CA ILE E 46 -3.39 16.96 18.63
C ILE E 46 -3.59 18.06 19.67
N ALA E 47 -4.43 17.78 20.67
CA ALA E 47 -4.65 18.75 21.75
C ALA E 47 -3.39 19.00 22.56
N ALA E 48 -2.67 17.95 22.90
CA ALA E 48 -1.45 18.13 23.69
C ALA E 48 -0.39 18.94 22.92
N ILE E 49 -0.20 18.62 21.64
CA ILE E 49 0.78 19.36 20.87
C ILE E 49 0.34 20.81 20.65
N ALA E 50 -0.95 21.02 20.40
CA ALA E 50 -1.48 22.38 20.26
C ALA E 50 -1.21 23.22 21.49
N ASN E 51 -1.24 22.58 22.66
CA ASN E 51 -1.03 23.23 23.94
C ASN E 51 0.43 23.24 24.42
N SER E 52 1.35 22.76 23.59
CA SER E 52 2.73 22.52 24.04
C SER E 52 3.67 23.73 23.97
N GLY E 53 3.19 24.89 23.54
CA GLY E 53 4.03 26.09 23.51
C GLY E 53 5.09 26.06 22.43
N MET E 54 4.69 25.66 21.24
CA MET E 54 5.63 25.59 20.10
C MET E 54 6.15 26.98 19.68
N GLY E 55 5.52 28.04 20.17
CA GLY E 55 6.05 29.40 19.96
C GLY E 55 7.50 29.56 20.41
N ALA E 56 7.89 28.80 21.42
CA ALA E 56 9.26 28.85 21.93
C ALA E 56 10.29 28.32 20.94
N LEU E 57 9.81 27.67 19.87
CA LEU E 57 10.67 27.08 18.84
C LEU E 57 10.86 28.00 17.65
N TYR E 58 10.35 29.22 17.78
CA TYR E 58 10.50 30.25 16.75
C TYR E 58 11.43 31.37 17.23
N GLY E 59 12.60 30.98 17.75
CA GLY E 59 13.58 31.92 18.27
C GLY E 59 14.31 32.65 17.16
N PRO E 60 15.16 33.61 17.54
CA PRO E 60 15.71 34.55 16.56
C PRO E 60 16.30 34.07 15.23
N GLY E 61 17.37 33.29 15.24
CA GLY E 61 17.94 32.83 13.97
C GLY E 61 17.26 31.67 13.25
N THR E 62 15.95 31.51 13.43
CA THR E 62 15.21 30.36 12.85
C THR E 62 14.29 30.74 11.68
N ASP E 63 14.50 31.93 11.13
CA ASP E 63 13.69 32.39 10.02
C ASP E 63 14.23 31.95 8.66
N LYS E 64 15.41 31.34 8.64
CA LYS E 64 16.05 30.93 7.38
C LYS E 64 16.68 29.58 7.54
N ASN E 65 17.05 28.97 6.41
CA ASN E 65 17.72 27.68 6.45
C ASN E 65 19.02 27.78 7.24
N VAL E 66 19.28 26.78 8.06
CA VAL E 66 20.46 26.75 8.92
C VAL E 66 21.16 25.42 8.75
N GLY E 67 22.48 25.45 8.57
CA GLY E 67 23.24 24.21 8.37
C GLY E 67 22.65 23.45 7.20
N ASP E 68 22.31 22.19 7.43
CA ASP E 68 21.65 21.38 6.40
C ASP E 68 20.12 21.34 6.60
N VAL E 69 19.63 22.12 7.56
CA VAL E 69 18.22 22.09 7.92
C VAL E 69 17.50 23.20 7.16
N LYS E 70 16.42 22.84 6.48
CA LYS E 70 15.65 23.81 5.71
C LYS E 70 14.34 24.07 6.43
N THR E 71 13.90 25.31 6.41
CA THR E 71 12.62 25.70 7.02
C THR E 71 11.68 26.25 5.95
N ARG E 72 10.39 26.07 6.18
CA ARG E 72 9.35 26.58 5.29
C ARG E 72 8.57 27.74 5.93
N VAL E 73 9.04 28.26 7.06
CA VAL E 73 8.37 29.40 7.66
C VAL E 73 8.55 30.63 6.75
N LYS E 74 7.49 31.42 6.63
CA LYS E 74 7.56 32.68 5.90
C LYS E 74 8.00 33.82 6.81
N PRO E 75 8.76 34.79 6.27
CA PRO E 75 9.31 35.87 7.12
C PRO E 75 8.20 36.66 7.85
N GLU E 76 7.01 36.73 7.24
CA GLU E 76 5.86 37.44 7.80
C GLU E 76 5.44 36.94 9.15
N PHE E 77 5.74 35.68 9.45
CA PHE E 77 5.34 35.09 10.70
C PHE E 77 5.87 35.91 11.87
N PHE E 78 7.15 36.27 11.80
CA PHE E 78 7.87 36.90 12.90
C PHE E 78 7.43 38.34 13.14
N GLN E 79 6.93 38.95 12.08
CA GLN E 79 6.49 40.34 12.09
C GLN E 79 4.96 40.47 12.31
N ASN E 80 4.25 39.34 12.44
CA ASN E 80 2.80 39.34 12.66
C ASN E 80 2.41 38.51 13.86
N MET E 81 3.11 38.73 14.95
CA MET E 81 2.83 37.92 16.12
C MET E 81 1.39 38.02 16.65
N GLU E 82 0.71 39.13 16.41
CA GLU E 82 -0.67 39.27 16.88
C GLU E 82 -1.67 38.34 16.17
N ASP E 83 -1.54 38.17 14.85
CA ASP E 83 -2.45 37.31 14.11
C ASP E 83 -2.02 35.86 14.31
N VAL E 84 -0.73 35.63 14.45
CA VAL E 84 -0.27 34.25 14.68
C VAL E 84 -0.92 33.84 16.01
N GLY E 85 -0.98 34.80 16.92
CA GLY E 85 -1.62 34.63 18.20
C GLY E 85 -3.07 34.23 18.04
N LYS E 86 -3.83 34.97 17.25
CA LYS E 86 -5.24 34.67 16.99
C LYS E 86 -5.46 33.25 16.44
N ILE E 87 -4.67 32.87 15.43
CA ILE E 87 -4.84 31.57 14.79
C ILE E 87 -4.47 30.47 15.77
N ALA E 88 -3.42 30.68 16.56
CA ALA E 88 -2.99 29.70 17.55
C ALA E 88 -4.06 29.49 18.60
N ARG E 89 -4.70 30.56 19.02
CA ARG E 89 -5.79 30.46 19.98
C ARG E 89 -7.00 29.78 19.38
N GLU E 90 -7.30 30.06 18.10
CA GLU E 90 -8.36 29.34 17.39
C GLU E 90 -8.02 27.84 17.32
N PHE E 91 -6.76 27.54 17.03
CA PHE E 91 -6.29 26.16 16.94
C PHE E 91 -6.38 25.43 18.29
N VAL E 92 -5.88 26.05 19.35
CA VAL E 92 -5.92 25.43 20.68
C VAL E 92 -7.36 25.17 21.10
N GLY E 93 -8.23 26.15 20.89
CA GLY E 93 -9.65 26.00 21.19
C GLY E 93 -10.27 24.85 20.41
N ALA E 94 -9.95 24.79 19.12
CA ALA E 94 -10.50 23.77 18.25
C ALA E 94 -9.96 22.40 18.63
N ALA E 95 -8.66 22.33 18.95
CA ALA E 95 -8.03 21.06 19.32
C ALA E 95 -8.59 20.55 20.66
N ASN E 96 -8.77 21.45 21.62
CA ASN E 96 -9.37 21.07 22.89
C ASN E 96 -10.77 20.50 22.70
N THR E 97 -11.55 21.15 21.85
CA THR E 97 -12.90 20.68 21.57
C THR E 97 -12.88 19.33 20.87
N LEU E 98 -11.96 19.14 19.94
CA LEU E 98 -11.85 17.84 19.27
C LEU E 98 -11.56 16.72 20.27
N ALA E 99 -10.68 16.96 21.24
CA ALA E 99 -10.36 15.94 22.25
C ALA E 99 -11.58 15.65 23.13
N GLU E 100 -12.29 16.71 23.52
CA GLU E 100 -13.52 16.57 24.31
C GLU E 100 -14.58 15.74 23.59
N VAL E 101 -14.87 16.07 22.33
CA VAL E 101 -15.91 15.32 21.61
C VAL E 101 -15.41 13.91 21.35
N ALA E 102 -14.12 13.74 21.06
CA ALA E 102 -13.60 12.39 20.79
C ALA E 102 -13.79 11.47 21.99
N ALA E 103 -13.70 12.01 23.19
CA ALA E 103 -13.88 11.21 24.42
C ALA E 103 -15.30 10.68 24.56
N THR E 104 -16.27 11.33 23.90
CA THR E 104 -17.67 10.86 23.94
C THR E 104 -17.92 9.69 23.00
N GLY E 105 -17.04 9.51 22.02
CA GLY E 105 -17.15 8.40 21.08
C GLY E 105 -18.11 8.67 19.93
N GLU E 106 -18.67 9.87 19.88
CA GLU E 106 -19.72 10.21 18.89
C GLU E 106 -19.09 10.66 17.58
N ALA E 107 -19.10 9.78 16.59
CA ALA E 107 -18.42 10.05 15.32
C ALA E 107 -18.91 11.31 14.60
N GLU E 108 -20.20 11.59 14.64
CA GLU E 108 -20.74 12.76 13.93
C GLU E 108 -20.25 14.07 14.55
N ALA E 109 -20.17 14.13 15.87
CA ALA E 109 -19.64 15.30 16.56
C ALA E 109 -18.15 15.45 16.28
N VAL E 110 -17.44 14.32 16.29
CA VAL E 110 -16.01 14.33 15.96
C VAL E 110 -15.78 14.86 14.55
N LYS E 111 -16.61 14.44 13.61
CA LYS E 111 -16.43 14.88 12.21
C LYS E 111 -16.46 16.41 12.13
N THR E 112 -17.42 17.02 12.82
CA THR E 112 -17.54 18.47 12.85
C THR E 112 -16.34 19.12 13.54
N ALA E 113 -15.95 18.59 14.68
CA ALA E 113 -14.82 19.11 15.44
C ALA E 113 -13.51 18.95 14.67
N PHE E 114 -13.38 17.84 13.97
CA PHE E 114 -12.20 17.55 13.15
C PHE E 114 -12.05 18.58 12.03
N GLY E 115 -13.17 18.92 11.40
CA GLY E 115 -13.16 19.94 10.34
C GLY E 115 -12.72 21.30 10.84
N ASP E 116 -13.16 21.68 12.03
CA ASP E 116 -12.75 22.96 12.61
C ASP E 116 -11.27 22.99 12.90
N VAL E 117 -10.71 21.89 13.38
CA VAL E 117 -9.26 21.83 13.60
C VAL E 117 -8.52 21.97 12.26
N GLY E 118 -8.94 21.20 11.27
CA GLY E 118 -8.30 21.22 9.95
C GLY E 118 -8.28 22.62 9.34
N ALA E 119 -9.36 23.37 9.52
CA ALA E 119 -9.42 24.77 9.05
C ALA E 119 -8.39 25.68 9.74
N ALA E 120 -8.15 25.45 11.03
CA ALA E 120 -7.12 26.21 11.75
C ALA E 120 -5.70 25.87 11.25
N CYS E 121 -5.42 24.60 11.01
CA CYS E 121 -4.11 24.22 10.45
C CYS E 121 -3.90 24.96 9.15
N LYS E 122 -4.89 24.86 8.29
CA LYS E 122 -4.81 25.40 6.94
C LYS E 122 -4.65 26.91 6.95
N SER E 123 -5.36 27.60 7.84
CA SER E 123 -5.32 29.05 7.83
C SER E 123 -3.94 29.55 8.24
N CYS E 124 -3.30 28.90 9.20
CA CYS E 124 -1.95 29.30 9.57
C CYS E 124 -0.98 29.04 8.42
N HIS E 125 -1.14 27.91 7.73
CA HIS E 125 -0.25 27.56 6.63
C HIS E 125 -0.33 28.55 5.48
N GLU E 126 -1.55 28.94 5.16
CA GLU E 126 -1.75 29.86 4.06
C GLU E 126 -1.03 31.18 4.27
N LYS E 127 -1.07 31.66 5.51
CA LYS E 127 -0.41 32.91 5.86
C LYS E 127 1.10 32.78 6.09
N TYR E 128 1.50 31.71 6.76
CA TYR E 128 2.82 31.66 7.37
C TYR E 128 3.73 30.50 6.95
N ARG E 129 3.27 29.63 6.06
CA ARG E 129 4.07 28.50 5.59
C ARG E 129 4.25 28.54 4.08
N ALA E 130 5.50 28.47 3.64
CA ALA E 130 5.82 28.49 2.22
C ALA E 130 5.21 27.28 1.52
N LYS E 131 4.68 27.51 0.32
CA LYS E 131 4.10 26.45 -0.46
C LYS E 131 5.24 25.60 -1.00
N ALA F 1 -5.16 3.45 3.80
CA ALA F 1 -4.67 4.40 4.82
C ALA F 1 -3.29 3.93 5.22
N GLY F 2 -2.31 4.31 4.39
CA GLY F 2 -0.90 3.89 4.54
C GLY F 2 0.15 4.97 4.48
N LEU F 3 1.11 4.81 5.41
CA LEU F 3 2.43 5.41 5.37
C LEU F 3 3.43 4.46 4.74
N SER F 4 4.30 5.00 3.91
CA SER F 4 5.43 4.25 3.38
C SER F 4 6.40 3.91 4.51
N PRO F 5 7.25 2.91 4.31
CA PRO F 5 8.28 2.62 5.32
C PRO F 5 9.10 3.84 5.70
N GLU F 6 9.48 4.63 4.72
CA GLU F 6 10.22 5.84 4.97
C GLU F 6 9.41 6.82 5.84
N GLU F 7 8.14 7.00 5.50
CA GLU F 7 7.25 7.89 6.26
C GLU F 7 7.05 7.39 7.70
N GLN F 8 7.00 6.06 7.86
CA GLN F 8 6.86 5.49 9.21
C GLN F 8 8.06 5.81 10.09
N ILE F 9 9.25 5.65 9.52
CA ILE F 9 10.48 5.92 10.26
C ILE F 9 10.56 7.41 10.60
N GLU F 10 10.31 8.27 9.61
CA GLU F 10 10.29 9.70 9.85
C GLU F 10 9.31 10.08 10.96
N THR F 11 8.13 9.49 10.92
CA THR F 11 7.06 9.85 11.87
C THR F 11 7.37 9.37 13.29
N ARG F 12 7.88 8.16 13.42
CA ARG F 12 8.22 7.69 14.75
C ARG F 12 9.35 8.52 15.31
N GLN F 13 10.33 8.86 14.48
CA GLN F 13 11.44 9.70 14.94
C GLN F 13 10.93 11.07 15.37
N ALA F 14 9.95 11.60 14.66
CA ALA F 14 9.36 12.90 15.03
C ALA F 14 8.70 12.82 16.39
N GLY F 15 7.94 11.76 16.65
CA GLY F 15 7.30 11.61 17.95
C GLY F 15 8.31 11.54 19.09
N TYR F 16 9.37 10.77 18.90
CA TYR F 16 10.42 10.66 19.91
C TYR F 16 11.13 11.98 20.14
N GLU F 17 11.50 12.65 19.05
CA GLU F 17 12.18 13.94 19.15
C GLU F 17 11.30 14.95 19.90
N PHE F 18 10.02 14.97 19.58
CA PHE F 18 9.11 15.91 20.24
C PHE F 18 8.93 15.58 21.71
N MET F 19 8.87 14.31 22.06
CA MET F 19 8.85 13.93 23.49
C MET F 19 10.10 14.42 24.19
N GLY F 20 11.26 14.27 23.53
CA GLY F 20 12.53 14.73 24.10
C GLY F 20 12.52 16.20 24.44
N TRP F 21 11.98 17.00 23.54
CA TRP F 21 11.86 18.45 23.80
C TRP F 21 10.99 18.73 25.03
N ASN F 22 9.87 18.04 25.13
CA ASN F 22 8.98 18.24 26.27
C ASN F 22 9.55 17.72 27.58
N MET F 23 10.32 16.64 27.54
CA MET F 23 11.04 16.18 28.74
C MET F 23 12.02 17.26 29.20
N GLY F 24 12.71 17.87 28.25
CA GLY F 24 13.64 18.95 28.57
C GLY F 24 12.98 20.16 29.20
N LYS F 25 11.77 20.49 28.77
CA LYS F 25 11.03 21.58 29.39
C LYS F 25 10.66 21.25 30.85
N ILE F 26 10.28 20.00 31.10
CA ILE F 26 9.93 19.62 32.47
C ILE F 26 11.16 19.75 33.36
N LYS F 27 12.29 19.25 32.86
CA LYS F 27 13.53 19.34 33.61
C LYS F 27 13.87 20.80 33.93
N ALA F 28 13.72 21.68 32.94
CA ALA F 28 14.04 23.09 33.11
C ALA F 28 13.15 23.71 34.20
N ASN F 29 11.87 23.36 34.19
CA ASN F 29 10.93 23.88 35.21
C ASN F 29 11.28 23.41 36.60
N LEU F 30 11.73 22.15 36.70
CA LEU F 30 12.14 21.59 37.99
C LEU F 30 13.41 22.22 38.54
N GLU F 31 14.31 22.62 37.64
CA GLU F 31 15.58 23.21 38.06
C GLU F 31 15.59 24.73 38.14
N GLY F 32 14.54 25.37 37.63
CA GLY F 32 14.43 26.82 37.64
C GLY F 32 13.15 27.26 38.31
N GLU F 33 12.39 28.13 37.64
CA GLU F 33 11.12 28.63 38.21
C GLU F 33 9.98 27.81 37.67
N TYR F 34 9.32 27.08 38.56
CA TYR F 34 8.33 26.09 38.18
C TYR F 34 7.05 26.76 37.69
N ASN F 35 6.65 26.41 36.47
CA ASN F 35 5.42 26.89 35.87
C ASN F 35 4.51 25.66 35.74
N ALA F 36 3.48 25.59 36.58
CA ALA F 36 2.65 24.38 36.68
C ALA F 36 1.91 24.06 35.39
N ALA F 37 1.34 25.08 34.75
CA ALA F 37 0.62 24.89 33.49
C ALA F 37 1.56 24.39 32.38
N GLN F 38 2.76 24.94 32.34
CA GLN F 38 3.77 24.52 31.35
C GLN F 38 4.17 23.05 31.52
N VAL F 39 4.41 22.63 32.77
CA VAL F 39 4.78 21.26 33.07
C VAL F 39 3.63 20.30 32.75
N GLU F 40 2.40 20.73 33.08
CA GLU F 40 1.21 19.95 32.77
C GLU F 40 1.10 19.75 31.26
N ALA F 41 1.29 20.82 30.50
CA ALA F 41 1.20 20.73 29.04
C ALA F 41 2.28 19.79 28.49
N ALA F 42 3.50 19.88 29.01
CA ALA F 42 4.60 19.04 28.54
C ALA F 42 4.33 17.58 28.87
N ALA F 43 3.86 17.33 30.09
CA ALA F 43 3.54 15.97 30.54
C ALA F 43 2.41 15.40 29.70
N ASN F 44 1.45 16.24 29.33
CA ASN F 44 0.34 15.78 28.50
C ASN F 44 0.83 15.33 27.14
N VAL F 45 1.83 16.01 26.58
CA VAL F 45 2.40 15.59 25.31
C VAL F 45 3.03 14.22 25.47
N ILE F 46 3.78 14.03 26.54
CA ILE F 46 4.50 12.76 26.73
C ILE F 46 3.49 11.61 26.88
N ALA F 47 2.44 11.83 27.66
CA ALA F 47 1.41 10.81 27.84
C ALA F 47 0.65 10.55 26.55
N ALA F 48 0.29 11.60 25.82
CA ALA F 48 -0.45 11.45 24.59
C ALA F 48 0.37 10.70 23.55
N ILE F 49 1.64 11.06 23.40
CA ILE F 49 2.49 10.35 22.44
C ILE F 49 2.72 8.90 22.88
N ALA F 50 2.94 8.67 24.17
CA ALA F 50 3.09 7.29 24.68
C ALA F 50 1.87 6.42 24.34
N ASN F 51 0.70 7.04 24.34
CA ASN F 51 -0.56 6.37 24.05
C ASN F 51 -1.04 6.43 22.60
N SER F 52 -0.19 6.93 21.71
CA SER F 52 -0.62 7.23 20.34
C SER F 52 -0.58 6.08 19.36
N GLY F 53 -0.18 4.89 19.83
CA GLY F 53 -0.15 3.73 18.94
C GLY F 53 0.99 3.79 17.95
N MET F 54 2.19 4.11 18.42
CA MET F 54 3.35 4.21 17.56
C MET F 54 3.76 2.86 16.99
N GLY F 55 3.19 1.77 17.50
CA GLY F 55 3.42 0.45 16.95
C GLY F 55 3.07 0.38 15.47
N ALA F 56 2.09 1.19 15.04
CA ALA F 56 1.69 1.27 13.65
C ALA F 56 2.77 1.86 12.77
N LEU F 57 3.81 2.45 13.38
CA LEU F 57 4.93 3.04 12.68
C LEU F 57 6.15 2.10 12.60
N TYR F 58 5.97 0.86 13.06
CA TYR F 58 7.02 -0.16 13.05
C TYR F 58 6.63 -1.30 12.12
N GLY F 59 6.17 -0.91 10.94
CA GLY F 59 5.69 -1.86 9.93
C GLY F 59 6.80 -2.57 9.21
N PRO F 60 6.44 -3.50 8.32
CA PRO F 60 7.40 -4.24 7.54
C PRO F 60 8.24 -3.30 6.74
N GLY F 61 9.51 -3.60 6.61
CA GLY F 61 10.40 -2.81 5.80
C GLY F 61 10.97 -1.61 6.52
N THR F 62 10.66 -1.43 7.80
CA THR F 62 11.19 -0.31 8.58
C THR F 62 12.31 -0.70 9.55
N ASP F 63 12.84 -1.91 9.39
CA ASP F 63 13.94 -2.41 10.22
C ASP F 63 15.32 -1.98 9.73
N LYS F 64 15.37 -1.39 8.54
CA LYS F 64 16.64 -0.95 7.95
C LYS F 64 16.51 0.42 7.29
N ASN F 65 17.64 1.04 6.98
CA ASN F 65 17.63 2.34 6.33
C ASN F 65 16.88 2.26 4.99
N VAL F 66 16.07 3.29 4.71
CA VAL F 66 15.27 3.34 3.49
C VAL F 66 15.47 4.68 2.81
N GLY F 67 15.71 4.64 1.51
CA GLY F 67 16.00 5.87 0.78
C GLY F 67 17.18 6.56 1.46
N ASP F 68 17.00 7.84 1.81
CA ASP F 68 18.03 8.56 2.56
C ASP F 68 17.71 8.64 4.04
N VAL F 69 16.67 7.93 4.45
CA VAL F 69 16.24 7.94 5.83
C VAL F 69 16.94 6.83 6.56
N LYS F 70 17.58 7.17 7.68
CA LYS F 70 18.28 6.18 8.46
C LYS F 70 17.50 5.92 9.74
N THR F 71 17.48 4.67 10.15
CA THR F 71 16.85 4.27 11.41
C THR F 71 17.88 3.71 12.37
N ARG F 72 17.61 3.88 13.66
CA ARG F 72 18.48 3.34 14.72
C ARG F 72 17.83 2.17 15.46
N VAL F 73 16.70 1.68 14.96
CA VAL F 73 16.05 0.56 15.64
C VAL F 73 16.91 -0.71 15.51
N LYS F 74 16.98 -1.48 16.60
CA LYS F 74 17.60 -2.81 16.58
C LYS F 74 16.58 -3.87 16.21
N PRO F 75 17.01 -4.91 15.47
CA PRO F 75 16.04 -5.89 14.96
C PRO F 75 15.26 -6.59 16.09
N GLU F 76 15.89 -6.71 17.25
CA GLU F 76 15.29 -7.36 18.43
C GLU F 76 13.98 -6.70 18.88
N PHE F 77 13.81 -5.44 18.55
CA PHE F 77 12.63 -4.69 18.98
C PHE F 77 11.33 -5.31 18.49
N PHE F 78 11.32 -5.72 17.22
CA PHE F 78 10.09 -6.10 16.53
C PHE F 78 9.38 -7.31 17.12
N GLN F 79 10.14 -8.22 17.71
CA GLN F 79 9.52 -9.46 18.19
C GLN F 79 8.62 -9.25 19.42
N ASN F 80 8.72 -8.06 20.00
CA ASN F 80 7.86 -7.70 21.13
C ASN F 80 6.48 -7.17 20.76
N MET F 81 6.21 -7.00 19.47
CA MET F 81 4.91 -6.56 18.94
C MET F 81 3.89 -7.67 18.82
N GLU F 82 2.63 -7.30 19.05
CA GLU F 82 1.49 -8.20 18.97
C GLU F 82 0.31 -7.49 18.33
N ASP F 83 -0.53 -8.29 17.67
CA ASP F 83 -1.77 -7.79 17.12
C ASP F 83 -2.72 -7.48 18.28
N VAL F 84 -3.01 -6.19 18.48
CA VAL F 84 -3.94 -5.71 19.50
C VAL F 84 -5.25 -5.26 18.90
N GLY F 85 -5.48 -5.64 17.66
CA GLY F 85 -6.69 -5.34 16.95
C GLY F 85 -7.94 -6.05 17.47
N LYS F 86 -9.05 -5.54 16.99
CA LYS F 86 -10.37 -5.97 17.39
C LYS F 86 -10.61 -7.45 17.12
N ILE F 87 -10.25 -7.90 15.93
CA ILE F 87 -10.51 -9.28 15.56
C ILE F 87 -9.67 -10.26 16.38
N ALA F 88 -8.42 -9.89 16.65
CA ALA F 88 -7.55 -10.73 17.47
C ALA F 88 -8.11 -10.87 18.88
N ARG F 89 -8.61 -9.77 19.42
CA ARG F 89 -9.21 -9.82 20.74
C ARG F 89 -10.50 -10.66 20.74
N GLU F 90 -11.31 -10.52 19.69
CA GLU F 90 -12.49 -11.37 19.53
C GLU F 90 -12.10 -12.82 19.47
N PHE F 91 -11.05 -13.11 18.72
CA PHE F 91 -10.60 -14.49 18.54
C PHE F 91 -10.12 -15.12 19.83
N VAL F 92 -9.28 -14.42 20.57
CA VAL F 92 -8.77 -14.96 21.82
C VAL F 92 -9.92 -15.26 22.80
N GLY F 93 -10.84 -14.31 22.92
CA GLY F 93 -11.99 -14.48 23.78
C GLY F 93 -12.84 -15.66 23.36
N ALA F 94 -13.07 -15.79 22.06
CA ALA F 94 -13.87 -16.88 21.53
C ALA F 94 -13.18 -18.23 21.74
N ALA F 95 -11.86 -18.27 21.52
CA ALA F 95 -11.10 -19.52 21.67
C ALA F 95 -11.09 -19.97 23.15
N ASN F 96 -10.88 -19.01 24.05
CA ASN F 96 -10.94 -19.34 25.49
C ASN F 96 -12.30 -19.90 25.88
N THR F 97 -13.37 -19.29 25.35
CA THR F 97 -14.72 -19.76 25.65
C THR F 97 -14.96 -21.17 25.09
N LEU F 98 -14.47 -21.42 23.88
CA LEU F 98 -14.64 -22.75 23.29
C LEU F 98 -13.99 -23.83 24.16
N ALA F 99 -12.79 -23.56 24.69
CA ALA F 99 -12.13 -24.53 25.58
C ALA F 99 -12.92 -24.74 26.88
N GLU F 100 -13.43 -23.66 27.44
CA GLU F 100 -14.27 -23.74 28.65
C GLU F 100 -15.51 -24.58 28.43
N VAL F 101 -16.22 -24.29 27.36
CA VAL F 101 -17.45 -24.99 27.06
C VAL F 101 -17.16 -26.46 26.72
N ALA F 102 -16.09 -26.70 25.98
CA ALA F 102 -15.71 -28.07 25.63
C ALA F 102 -15.45 -28.93 26.87
N ALA F 103 -14.92 -28.32 27.93
CA ALA F 103 -14.64 -29.05 29.16
C ALA F 103 -15.91 -29.54 29.86
N THR F 104 -17.05 -28.90 29.58
CA THR F 104 -18.33 -29.33 30.15
C THR F 104 -18.90 -30.56 29.43
N GLY F 105 -18.43 -30.82 28.22
CA GLY F 105 -18.84 -31.99 27.46
C GLY F 105 -20.14 -31.81 26.71
N GLU F 106 -20.71 -30.62 26.80
CA GLU F 106 -22.04 -30.37 26.29
C GLU F 106 -22.00 -29.95 24.81
N ALA F 107 -22.38 -30.88 23.92
CA ALA F 107 -22.22 -30.70 22.48
C ALA F 107 -22.98 -29.48 21.91
N GLU F 108 -24.18 -29.22 22.40
CA GLU F 108 -24.96 -28.09 21.89
C GLU F 108 -24.31 -26.73 22.21
N ALA F 109 -23.75 -26.60 23.41
CA ALA F 109 -23.02 -25.40 23.78
C ALA F 109 -21.72 -25.27 22.98
N VAL F 110 -21.04 -26.40 22.78
CA VAL F 110 -19.81 -26.42 21.97
C VAL F 110 -20.11 -25.96 20.54
N LYS F 111 -21.24 -26.42 19.98
CA LYS F 111 -21.60 -26.05 18.62
C LYS F 111 -21.66 -24.53 18.47
N THR F 112 -22.30 -23.87 19.43
CA THR F 112 -22.39 -22.43 19.42
C THR F 112 -21.01 -21.80 19.58
N ALA F 113 -20.23 -22.28 20.54
CA ALA F 113 -18.90 -21.72 20.81
C ALA F 113 -17.95 -21.92 19.63
N PHE F 114 -18.09 -23.08 18.98
CA PHE F 114 -17.31 -23.42 17.79
C PHE F 114 -17.60 -22.46 16.64
N GLY F 115 -18.89 -22.16 16.46
CA GLY F 115 -19.30 -21.17 15.46
C GLY F 115 -18.72 -19.80 15.69
N ASP F 116 -18.67 -19.36 16.95
CA ASP F 116 -18.12 -18.05 17.26
C ASP F 116 -16.63 -17.98 16.97
N VAL F 117 -15.91 -19.07 17.26
CA VAL F 117 -14.50 -19.12 16.89
C VAL F 117 -14.33 -19.07 15.38
N GLY F 118 -15.10 -19.88 14.67
CA GLY F 118 -15.02 -19.95 13.20
C GLY F 118 -15.25 -18.60 12.55
N ALA F 119 -16.20 -17.84 13.11
CA ALA F 119 -16.48 -16.50 12.60
C ALA F 119 -15.30 -15.55 12.78
N ALA F 120 -14.57 -15.69 13.88
CA ALA F 120 -13.36 -14.91 14.10
C ALA F 120 -12.24 -15.28 13.12
N CYS F 121 -12.02 -16.57 12.88
CA CYS F 121 -11.04 -16.99 11.88
C CYS F 121 -11.37 -16.33 10.55
N LYS F 122 -12.63 -16.49 10.15
CA LYS F 122 -13.10 -16.03 8.83
C LYS F 122 -13.00 -14.53 8.67
N SER F 123 -13.36 -13.80 9.72
CA SER F 123 -13.40 -12.36 9.61
C SER F 123 -11.97 -11.81 9.47
N CYS F 124 -10.98 -12.43 10.12
CA CYS F 124 -9.61 -11.99 9.94
C CYS F 124 -9.14 -12.29 8.53
N HIS F 125 -9.49 -13.47 8.02
CA HIS F 125 -9.04 -13.86 6.68
C HIS F 125 -9.59 -12.95 5.60
N GLU F 126 -10.84 -12.59 5.75
CA GLU F 126 -11.49 -11.73 4.75
C GLU F 126 -10.78 -10.39 4.64
N LYS F 127 -10.38 -9.83 5.78
CA LYS F 127 -9.66 -8.55 5.80
C LYS F 127 -8.18 -8.63 5.48
N TYR F 128 -7.51 -9.67 5.97
CA TYR F 128 -6.06 -9.65 6.07
C TYR F 128 -5.32 -10.83 5.42
N ARG F 129 -6.04 -11.74 4.79
CA ARG F 129 -5.42 -12.89 4.10
C ARG F 129 -5.79 -12.92 2.62
N ALA F 130 -4.78 -13.02 1.77
CA ALA F 130 -4.98 -13.05 0.31
C ALA F 130 -5.70 -14.31 -0.14
N LYS F 131 -6.47 -14.13 -1.21
CA LYS F 131 -6.88 -15.15 -2.21
C LYS F 131 -8.25 -15.69 -1.92
N ALA G 1 -27.45 -26.00 -23.36
CA ALA G 1 -28.46 -24.91 -23.42
C ALA G 1 -28.03 -23.62 -22.66
N GLY G 2 -27.01 -22.95 -23.21
CA GLY G 2 -26.36 -21.77 -22.63
C GLY G 2 -25.02 -21.92 -21.89
N LEU G 3 -24.83 -21.09 -20.88
CA LEU G 3 -23.67 -21.18 -20.00
C LEU G 3 -23.79 -22.44 -19.17
N SER G 4 -22.67 -23.13 -18.98
CA SER G 4 -22.63 -24.27 -18.08
C SER G 4 -22.82 -23.77 -16.65
N PRO G 5 -23.18 -24.68 -15.73
CA PRO G 5 -23.36 -24.25 -14.35
C PRO G 5 -22.09 -23.60 -13.79
N GLU G 6 -20.92 -24.18 -14.14
CA GLU G 6 -19.64 -23.58 -13.71
C GLU G 6 -19.48 -22.19 -14.29
N GLU G 7 -19.79 -22.01 -15.57
CA GLU G 7 -19.72 -20.69 -16.21
C GLU G 7 -20.68 -19.67 -15.57
N GLN G 8 -21.86 -20.13 -15.19
CA GLN G 8 -22.83 -19.23 -14.53
C GLN G 8 -22.31 -18.72 -13.19
N ILE G 9 -21.75 -19.62 -12.39
CA ILE G 9 -21.18 -19.27 -11.10
C ILE G 9 -20.00 -18.31 -11.30
N GLU G 10 -19.09 -18.66 -12.19
CA GLU G 10 -17.94 -17.79 -12.49
C GLU G 10 -18.38 -16.40 -12.96
N THR G 11 -19.41 -16.35 -13.80
CA THR G 11 -19.86 -15.06 -14.34
C THR G 11 -20.55 -14.19 -13.31
N ARG G 12 -21.39 -14.78 -12.47
CA ARG G 12 -22.03 -13.97 -11.44
C ARG G 12 -20.99 -13.48 -10.46
N GLN G 13 -20.03 -14.33 -10.10
CA GLN G 13 -18.97 -13.91 -9.20
C GLN G 13 -18.18 -12.75 -9.81
N ALA G 14 -17.95 -12.79 -11.12
CA ALA G 14 -17.23 -11.71 -11.80
C ALA G 14 -17.97 -10.38 -11.70
N GLY G 15 -19.27 -10.40 -11.95
CA GLY G 15 -20.07 -9.18 -11.85
C GLY G 15 -20.04 -8.56 -10.45
N TYR G 16 -20.20 -9.41 -9.43
CA TYR G 16 -20.15 -8.95 -8.06
C TYR G 16 -18.79 -8.38 -7.71
N GLU G 17 -17.74 -9.11 -8.08
CA GLU G 17 -16.38 -8.70 -7.76
C GLU G 17 -16.11 -7.34 -8.39
N PHE G 18 -16.53 -7.17 -9.65
CA PHE G 18 -16.27 -5.91 -10.33
C PHE G 18 -17.07 -4.75 -9.71
N MET G 19 -18.30 -5.00 -9.28
CA MET G 19 -19.05 -3.98 -8.53
C MET G 19 -18.32 -3.62 -7.25
N GLY G 20 -17.81 -4.63 -6.55
CA GLY G 20 -17.08 -4.40 -5.31
C GLY G 20 -15.91 -3.46 -5.53
N TRP G 21 -15.17 -3.65 -6.60
CA TRP G 21 -14.02 -2.82 -6.90
C TRP G 21 -14.46 -1.38 -7.08
N ASN G 22 -15.53 -1.19 -7.84
CA ASN G 22 -16.04 0.15 -8.09
C ASN G 22 -16.63 0.82 -6.84
N MET G 23 -17.27 0.03 -5.96
CA MET G 23 -17.69 0.56 -4.67
C MET G 23 -16.49 1.03 -3.85
N GLY G 24 -15.42 0.25 -3.86
CA GLY G 24 -14.19 0.59 -3.17
C GLY G 24 -13.57 1.87 -3.69
N LYS G 25 -13.66 2.11 -4.99
CA LYS G 25 -13.16 3.37 -5.54
C LYS G 25 -13.97 4.57 -5.04
N ILE G 26 -15.29 4.41 -4.95
CA ILE G 26 -16.13 5.50 -4.43
C ILE G 26 -15.72 5.79 -2.95
N LYS G 27 -15.54 4.72 -2.18
CA LYS G 27 -15.09 4.84 -0.79
C LYS G 27 -13.71 5.53 -0.69
N ALA G 28 -12.78 5.16 -1.55
CA ALA G 28 -11.44 5.77 -1.58
C ALA G 28 -11.51 7.27 -1.88
N ASN G 29 -12.38 7.65 -2.82
CA ASN G 29 -12.58 9.06 -3.16
C ASN G 29 -13.13 9.84 -1.97
N LEU G 30 -14.04 9.22 -1.23
CA LEU G 30 -14.61 9.85 -0.04
C LEU G 30 -13.61 9.99 1.13
N GLU G 31 -12.69 9.04 1.24
CA GLU G 31 -11.66 9.01 2.29
C GLU G 31 -10.41 9.82 1.93
N GLY G 32 -10.24 10.16 0.66
CA GLY G 32 -9.08 10.91 0.21
C GLY G 32 -9.51 12.19 -0.49
N GLU G 33 -8.99 12.40 -1.69
CA GLU G 33 -9.33 13.55 -2.51
C GLU G 33 -10.36 13.22 -3.59
N TYR G 34 -11.52 13.87 -3.54
CA TYR G 34 -12.67 13.53 -4.40
C TYR G 34 -12.44 13.87 -5.87
N ASN G 35 -12.58 12.86 -6.73
CA ASN G 35 -12.49 13.01 -8.17
C ASN G 35 -13.87 12.71 -8.75
N ALA G 36 -14.58 13.75 -9.19
CA ALA G 36 -15.97 13.61 -9.63
C ALA G 36 -16.16 12.67 -10.81
N ALA G 37 -15.28 12.79 -11.82
CA ALA G 37 -15.37 11.94 -13.02
C ALA G 37 -15.15 10.46 -12.66
N GLN G 38 -14.20 10.22 -11.76
CA GLN G 38 -13.89 8.87 -11.30
C GLN G 38 -15.07 8.24 -10.58
N VAL G 39 -15.69 9.01 -9.69
CA VAL G 39 -16.86 8.52 -8.98
C VAL G 39 -18.05 8.27 -9.94
N GLU G 40 -18.24 9.16 -10.90
CA GLU G 40 -19.29 8.99 -11.91
C GLU G 40 -19.09 7.70 -12.71
N ALA G 41 -17.85 7.45 -13.13
CA ALA G 41 -17.55 6.23 -13.88
C ALA G 41 -17.81 4.98 -13.03
N ALA G 42 -17.43 5.03 -11.76
CA ALA G 42 -17.65 3.90 -10.86
C ALA G 42 -19.13 3.65 -10.62
N ALA G 43 -19.87 4.74 -10.37
CA ALA G 43 -21.31 4.62 -10.15
C ALA G 43 -22.02 4.07 -11.40
N ASN G 44 -21.56 4.45 -12.58
CA ASN G 44 -22.16 3.94 -13.81
C ASN G 44 -21.98 2.43 -13.96
N VAL G 45 -20.85 1.91 -13.51
CA VAL G 45 -20.65 0.46 -13.53
C VAL G 45 -21.66 -0.21 -12.59
N ILE G 46 -21.81 0.35 -11.40
CA ILE G 46 -22.69 -0.28 -10.41
C ILE G 46 -24.12 -0.31 -10.93
N ALA G 47 -24.55 0.80 -11.52
CA ALA G 47 -25.91 0.85 -12.09
C ALA G 47 -26.08 -0.11 -13.26
N ALA G 48 -25.10 -0.16 -14.15
CA ALA G 48 -25.20 -1.05 -15.30
C ALA G 48 -25.24 -2.53 -14.89
N ILE G 49 -24.39 -2.90 -13.93
CA ILE G 49 -24.37 -4.30 -13.50
C ILE G 49 -25.65 -4.63 -12.73
N ALA G 50 -26.14 -3.70 -11.92
CA ALA G 50 -27.39 -3.90 -11.20
C ALA G 50 -28.53 -4.18 -12.16
N ASN G 51 -28.48 -3.54 -13.32
CA ASN G 51 -29.51 -3.68 -14.35
C ASN G 51 -29.25 -4.79 -15.37
N SER G 52 -28.22 -5.59 -15.17
CA SER G 52 -27.76 -6.53 -16.21
C SER G 52 -28.45 -7.90 -16.24
N GLY G 53 -29.42 -8.13 -15.36
CA GLY G 53 -30.16 -9.40 -15.37
C GLY G 53 -29.34 -10.59 -14.89
N MET G 54 -28.62 -10.39 -13.80
CA MET G 54 -27.79 -11.48 -13.24
C MET G 54 -28.61 -12.67 -12.71
N GLY G 55 -29.92 -12.49 -12.59
CA GLY G 55 -30.81 -13.63 -12.27
C GLY G 55 -30.65 -14.81 -13.22
N ALA G 56 -30.32 -14.52 -14.47
CA ALA G 56 -30.12 -15.57 -15.47
C ALA G 56 -28.92 -16.48 -15.17
N LEU G 57 -28.08 -16.05 -14.21
CA LEU G 57 -26.86 -16.78 -13.84
C LEU G 57 -27.08 -17.66 -12.63
N TYR G 58 -28.34 -17.77 -12.20
CA TYR G 58 -28.73 -18.64 -11.11
C TYR G 58 -29.57 -19.82 -11.62
N GLY G 59 -29.08 -20.48 -12.66
CA GLY G 59 -29.76 -21.62 -13.26
C GLY G 59 -29.67 -22.87 -12.41
N PRO G 60 -30.35 -23.94 -12.84
CA PRO G 60 -30.58 -25.09 -11.96
C PRO G 60 -29.41 -25.72 -11.18
N GLY G 61 -28.41 -26.26 -11.84
CA GLY G 61 -27.30 -26.89 -11.10
C GLY G 61 -26.24 -25.95 -10.51
N THR G 62 -26.61 -24.73 -10.16
CA THR G 62 -25.63 -23.74 -9.64
C THR G 62 -25.77 -23.44 -8.14
N ASP G 63 -26.49 -24.30 -7.43
CA ASP G 63 -26.68 -24.14 -6.00
C ASP G 63 -25.55 -24.74 -5.16
N LYS G 64 -24.65 -25.47 -5.80
CA LYS G 64 -23.57 -26.16 -5.10
C LYS G 64 -22.26 -26.05 -5.86
N ASN G 65 -21.16 -26.38 -5.20
CA ASN G 65 -19.87 -26.34 -5.85
C ASN G 65 -19.87 -27.28 -7.06
N VAL G 66 -19.28 -26.82 -8.15
CA VAL G 66 -19.22 -27.59 -9.40
C VAL G 66 -17.79 -27.61 -9.90
N GLY G 67 -17.31 -28.80 -10.28
CA GLY G 67 -15.95 -28.92 -10.79
C GLY G 67 -14.96 -28.37 -9.78
N ASP G 68 -14.13 -27.43 -10.23
CA ASP G 68 -13.18 -26.74 -9.36
C ASP G 68 -13.77 -25.44 -8.78
N VAL G 69 -15.00 -25.13 -9.16
CA VAL G 69 -15.60 -23.83 -8.85
C VAL G 69 -16.44 -23.94 -7.59
N LYS G 70 -16.20 -23.04 -6.66
CA LYS G 70 -16.96 -23.01 -5.41
C LYS G 70 -17.89 -21.82 -5.42
N THR G 71 -19.09 -22.03 -4.87
CA THR G 71 -20.08 -20.96 -4.76
C THR G 71 -20.39 -20.70 -3.30
N ARG G 72 -20.76 -19.45 -3.01
CA ARG G 72 -21.17 -19.04 -1.68
C ARG G 72 -22.68 -18.74 -1.59
N VAL G 73 -23.43 -19.07 -2.62
CA VAL G 73 -24.88 -18.87 -2.54
C VAL G 73 -25.47 -19.83 -1.50
N LYS G 74 -26.44 -19.35 -0.75
CA LYS G 74 -27.19 -20.17 0.19
C LYS G 74 -28.38 -20.83 -0.49
N PRO G 75 -28.73 -22.07 -0.09
CA PRO G 75 -29.83 -22.79 -0.74
C PRO G 75 -31.17 -22.02 -0.70
N GLU G 76 -31.35 -21.21 0.35
CA GLU G 76 -32.57 -20.41 0.55
C GLU G 76 -32.86 -19.44 -0.58
N PHE G 77 -31.83 -19.04 -1.31
CA PHE G 77 -31.98 -18.11 -2.39
C PHE G 77 -32.99 -18.61 -3.41
N PHE G 78 -32.84 -19.88 -3.79
CA PHE G 78 -33.59 -20.49 -4.89
C PHE G 78 -35.05 -20.72 -4.53
N GLN G 79 -35.30 -20.88 -3.23
CA GLN G 79 -36.63 -21.12 -2.68
C GLN G 79 -37.32 -19.84 -2.20
N ASN G 80 -36.66 -18.67 -2.31
CA ASN G 80 -37.20 -17.39 -1.87
C ASN G 80 -37.14 -16.33 -2.95
N MET G 81 -37.56 -16.72 -4.14
CA MET G 81 -37.46 -15.78 -5.24
C MET G 81 -38.24 -14.46 -5.07
N GLU G 82 -39.29 -14.46 -4.25
CA GLU G 82 -40.05 -13.22 -4.00
C GLU G 82 -39.25 -12.15 -3.22
N ASP G 83 -38.50 -12.55 -2.18
CA ASP G 83 -37.77 -11.58 -1.39
C ASP G 83 -36.51 -11.22 -2.14
N VAL G 84 -35.97 -12.17 -2.89
CA VAL G 84 -34.75 -11.86 -3.66
C VAL G 84 -35.16 -10.76 -4.63
N GLY G 85 -36.38 -10.89 -5.13
CA GLY G 85 -36.97 -9.90 -6.00
C GLY G 85 -37.03 -8.54 -5.37
N LYS G 86 -37.56 -8.44 -4.15
CA LYS G 86 -37.65 -7.18 -3.40
C LYS G 86 -36.28 -6.51 -3.22
N ILE G 87 -35.29 -7.28 -2.79
CA ILE G 87 -33.97 -6.72 -2.53
C ILE G 87 -33.32 -6.26 -3.82
N ALA G 88 -33.50 -7.03 -4.89
CA ALA G 88 -32.94 -6.67 -6.19
C ALA G 88 -33.53 -5.36 -6.69
N ARG G 89 -34.84 -5.19 -6.51
CA ARG G 89 -35.49 -3.96 -6.90
C ARG G 89 -35.04 -2.79 -6.03
N GLU G 90 -34.84 -3.02 -4.74
CA GLU G 90 -34.26 -2.00 -3.86
C GLU G 90 -32.85 -1.63 -4.34
N PHE G 91 -32.08 -2.63 -4.71
CA PHE G 91 -30.72 -2.43 -5.21
C PHE G 91 -30.69 -1.65 -6.53
N VAL G 92 -31.50 -2.06 -7.51
CA VAL G 92 -31.53 -1.38 -8.81
C VAL G 92 -31.93 0.09 -8.61
N GLY G 93 -32.94 0.35 -7.79
CA GLY G 93 -33.36 1.71 -7.48
C GLY G 93 -32.24 2.52 -6.86
N ALA G 94 -31.57 1.91 -5.89
CA ALA G 94 -30.48 2.59 -5.18
C ALA G 94 -29.29 2.84 -6.11
N ALA G 95 -28.98 1.86 -6.95
CA ALA G 95 -27.87 1.99 -7.89
C ALA G 95 -28.17 3.06 -8.94
N ASN G 96 -29.39 3.08 -9.46
CA ASN G 96 -29.80 4.13 -10.40
C ASN G 96 -29.63 5.50 -9.77
N THR G 97 -30.07 5.65 -8.52
CA THR G 97 -29.96 6.93 -7.83
C THR G 97 -28.50 7.33 -7.63
N LEU G 98 -27.66 6.37 -7.26
CA LEU G 98 -26.24 6.66 -7.07
C LEU G 98 -25.63 7.21 -8.37
N ALA G 99 -25.98 6.62 -9.52
CA ALA G 99 -25.45 7.08 -10.80
C ALA G 99 -25.95 8.49 -11.12
N GLU G 100 -27.23 8.73 -10.87
CA GLU G 100 -27.83 10.05 -11.05
C GLU G 100 -27.12 11.12 -10.22
N VAL G 101 -26.95 10.85 -8.92
CA VAL G 101 -26.32 11.84 -8.03
C VAL G 101 -24.88 12.02 -8.45
N ALA G 102 -24.20 10.93 -8.80
CA ALA G 102 -22.78 11.00 -9.14
C ALA G 102 -22.57 11.91 -10.36
N ALA G 103 -23.53 11.92 -11.28
CA ALA G 103 -23.43 12.77 -12.47
C ALA G 103 -23.48 14.26 -12.14
N THR G 104 -24.06 14.61 -10.99
CA THR G 104 -24.11 16.02 -10.56
C THR G 104 -22.78 16.50 -9.97
N GLY G 105 -21.94 15.56 -9.54
CA GLY G 105 -20.62 15.88 -8.97
C GLY G 105 -20.67 16.28 -7.51
N GLU G 106 -21.87 16.24 -6.92
CA GLU G 106 -22.09 16.72 -5.57
C GLU G 106 -21.76 15.61 -4.59
N ALA G 107 -20.63 15.73 -3.92
CA ALA G 107 -20.16 14.67 -3.01
C ALA G 107 -21.16 14.34 -1.89
N GLU G 108 -21.86 15.34 -1.36
CA GLU G 108 -22.82 15.08 -0.26
C GLU G 108 -24.03 14.23 -0.68
N ALA G 109 -24.53 14.49 -1.87
CA ALA G 109 -25.61 13.67 -2.42
C ALA G 109 -25.09 12.25 -2.72
N VAL G 110 -23.84 12.16 -3.20
CA VAL G 110 -23.16 10.87 -3.41
C VAL G 110 -22.90 10.00 -2.15
N LYS G 111 -22.35 10.59 -1.10
CA LYS G 111 -22.01 9.83 0.12
C LYS G 111 -23.27 9.15 0.67
N THR G 112 -24.34 9.92 0.70
CA THR G 112 -25.64 9.42 1.13
C THR G 112 -26.18 8.33 0.17
N ALA G 113 -26.12 8.58 -1.13
CA ALA G 113 -26.56 7.58 -2.12
C ALA G 113 -25.71 6.30 -2.08
N PHE G 114 -24.41 6.47 -1.83
CA PHE G 114 -23.47 5.35 -1.72
C PHE G 114 -23.84 4.46 -0.55
N GLY G 115 -24.19 5.06 0.57
CA GLY G 115 -24.63 4.31 1.76
C GLY G 115 -25.88 3.48 1.51
N ASP G 116 -26.83 4.03 0.76
CA ASP G 116 -28.05 3.29 0.43
C ASP G 116 -27.77 2.09 -0.45
N VAL G 117 -26.86 2.23 -1.40
CA VAL G 117 -26.48 1.10 -2.22
C VAL G 117 -25.82 0.03 -1.36
N GLY G 118 -24.86 0.43 -0.53
CA GLY G 118 -24.14 -0.49 0.33
C GLY G 118 -25.07 -1.30 1.23
N ALA G 119 -26.12 -0.66 1.74
CA ALA G 119 -27.13 -1.35 2.56
C ALA G 119 -27.89 -2.42 1.77
N ALA G 120 -28.17 -2.17 0.49
CA ALA G 120 -28.81 -3.17 -0.36
C ALA G 120 -27.90 -4.37 -0.63
N CYS G 121 -26.62 -4.11 -0.90
CA CYS G 121 -25.66 -5.20 -1.09
C CYS G 121 -25.67 -6.09 0.15
N LYS G 122 -25.53 -5.44 1.29
CA LYS G 122 -25.41 -6.13 2.57
C LYS G 122 -26.65 -6.93 2.91
N SER G 123 -27.83 -6.38 2.63
CA SER G 123 -29.07 -7.07 3.02
C SER G 123 -29.25 -8.37 2.21
N CYS G 124 -28.87 -8.35 0.93
CA CYS G 124 -28.94 -9.58 0.15
C CYS G 124 -27.93 -10.61 0.68
N HIS G 125 -26.73 -10.15 1.03
CA HIS G 125 -25.68 -11.06 1.50
C HIS G 125 -26.06 -11.74 2.78
N GLU G 126 -26.65 -10.98 3.68
CA GLU G 126 -27.03 -11.53 4.97
C GLU G 126 -27.99 -12.69 4.81
N LYS G 127 -28.93 -12.54 3.91
CA LYS G 127 -29.92 -13.57 3.65
C LYS G 127 -29.45 -14.72 2.78
N TYR G 128 -28.69 -14.39 1.73
CA TYR G 128 -28.49 -15.31 0.63
C TYR G 128 -27.03 -15.65 0.29
N ARG G 129 -26.06 -15.09 1.03
CA ARG G 129 -24.65 -15.41 0.81
C ARG G 129 -24.00 -15.99 2.06
N ALA G 130 -23.34 -17.13 1.89
CA ALA G 130 -22.64 -17.78 2.99
C ALA G 130 -21.52 -16.91 3.54
N LYS G 131 -21.37 -16.90 4.85
CA LYS G 131 -20.31 -16.13 5.47
C LYS G 131 -18.99 -16.84 5.22
N ALA H 1 -2.35 0.22 0.39
CA ALA H 1 -3.12 1.45 0.01
C ALA H 1 -3.98 1.19 -1.25
N GLY H 2 -4.25 -0.08 -1.54
CA GLY H 2 -5.03 -0.35 -2.75
C GLY H 2 -5.05 -1.84 -2.98
N LEU H 3 -5.41 -2.22 -4.19
CA LEU H 3 -5.49 -3.63 -4.54
C LEU H 3 -4.10 -4.21 -4.68
N SER H 4 -3.93 -5.42 -4.18
CA SER H 4 -2.71 -6.17 -4.40
C SER H 4 -2.58 -6.51 -5.87
N PRO H 5 -1.37 -6.83 -6.33
CA PRO H 5 -1.22 -7.28 -7.70
C PRO H 5 -2.15 -8.44 -8.07
N GLU H 6 -2.28 -9.40 -7.16
CA GLU H 6 -3.17 -10.51 -7.36
C GLU H 6 -4.63 -10.04 -7.52
N GLU H 7 -5.05 -9.14 -6.64
CA GLU H 7 -6.41 -8.58 -6.72
C GLU H 7 -6.65 -7.81 -8.00
N GLN H 8 -5.61 -7.12 -8.47
CA GLN H 8 -5.74 -6.35 -9.72
C GLN H 8 -5.98 -7.26 -10.91
N ILE H 9 -5.22 -8.36 -10.97
CA ILE H 9 -5.37 -9.34 -12.05
C ILE H 9 -6.75 -9.99 -11.97
N GLU H 10 -7.15 -10.42 -10.78
CA GLU H 10 -8.49 -10.99 -10.60
C GLU H 10 -9.60 -10.03 -11.04
N THR H 11 -9.45 -8.76 -10.67
CA THR H 11 -10.50 -7.77 -10.92
C THR H 11 -10.58 -7.42 -12.38
N ARG H 12 -9.43 -7.26 -13.04
CA ARG H 12 -9.50 -6.96 -14.47
C ARG H 12 -10.08 -8.16 -15.21
N GLN H 13 -9.69 -9.37 -14.83
CA GLN H 13 -10.25 -10.58 -15.46
C GLN H 13 -11.75 -10.64 -15.25
N ALA H 14 -12.22 -10.24 -14.07
CA ALA H 14 -13.66 -10.22 -13.80
C ALA H 14 -14.39 -9.26 -14.73
N GLY H 15 -13.85 -8.06 -14.92
CA GLY H 15 -14.48 -7.07 -15.78
C GLY H 15 -14.57 -7.59 -17.22
N TYR H 16 -13.50 -8.19 -17.70
CA TYR H 16 -13.50 -8.75 -19.05
C TYR H 16 -14.49 -9.89 -19.20
N GLU H 17 -14.48 -10.81 -18.23
CA GLU H 17 -15.38 -11.94 -18.25
C GLU H 17 -16.84 -11.45 -18.26
N PHE H 18 -17.14 -10.45 -17.44
CA PHE H 18 -18.50 -9.94 -17.37
C PHE H 18 -18.90 -9.23 -18.67
N MET H 19 -17.98 -8.50 -19.29
CA MET H 19 -18.26 -7.94 -20.62
C MET H 19 -18.55 -9.04 -21.62
N GLY H 20 -17.77 -10.12 -21.58
CA GLY H 20 -17.99 -11.27 -22.47
C GLY H 20 -19.38 -11.85 -22.37
N TRP H 21 -19.87 -11.99 -21.14
CA TRP H 21 -21.23 -12.48 -20.93
C TRP H 21 -22.28 -11.55 -21.56
N ASN H 22 -22.10 -10.25 -21.35
CA ASN H 22 -23.03 -9.29 -21.94
C ASN H 22 -22.94 -9.20 -23.45
N MET H 23 -21.76 -9.36 -24.03
CA MET H 23 -21.62 -9.43 -25.49
C MET H 23 -22.41 -10.63 -26.01
N GLY H 24 -22.31 -11.75 -25.31
CA GLY H 24 -23.03 -12.96 -25.69
C GLY H 24 -24.55 -12.78 -25.65
N LYS H 25 -25.04 -12.03 -24.68
CA LYS H 25 -26.48 -11.73 -24.62
C LYS H 25 -26.93 -10.89 -25.82
N ILE H 26 -26.11 -9.91 -26.21
CA ILE H 26 -26.45 -9.09 -27.37
C ILE H 26 -26.52 -9.96 -28.61
N LYS H 27 -25.53 -10.82 -28.78
CA LYS H 27 -25.49 -11.71 -29.92
C LYS H 27 -26.74 -12.60 -29.96
N ALA H 28 -27.13 -13.13 -28.80
CA ALA H 28 -28.31 -14.00 -28.71
C ALA H 28 -29.58 -13.25 -29.12
N ASN H 29 -29.71 -12.00 -28.67
CA ASN H 29 -30.87 -11.17 -29.03
C ASN H 29 -30.93 -10.88 -30.52
N LEU H 30 -29.76 -10.65 -31.12
CA LEU H 30 -29.69 -10.40 -32.56
C LEU H 30 -30.02 -11.62 -33.40
N GLU H 31 -29.68 -12.81 -32.90
CA GLU H 31 -29.91 -14.04 -33.64
C GLU H 31 -31.24 -14.74 -33.31
N GLY H 32 -31.91 -14.27 -32.27
CA GLY H 32 -33.19 -14.85 -31.86
C GLY H 32 -34.25 -13.79 -31.81
N GLU H 33 -34.96 -13.71 -30.70
CA GLU H 33 -36.02 -12.72 -30.54
C GLU H 33 -35.51 -11.52 -29.77
N TYR H 34 -35.50 -10.39 -30.45
CA TYR H 34 -34.84 -9.20 -29.96
C TYR H 34 -35.63 -8.55 -28.82
N ASN H 35 -34.95 -8.38 -27.68
CA ASN H 35 -35.51 -7.71 -26.52
C ASN H 35 -34.71 -6.41 -26.34
N ALA H 36 -35.33 -5.28 -26.66
CA ALA H 36 -34.63 -3.99 -26.70
C ALA H 36 -34.06 -3.56 -25.36
N ALA H 37 -34.85 -3.72 -24.31
CA ALA H 37 -34.41 -3.36 -22.96
C ALA H 37 -33.23 -4.23 -22.51
N GLN H 38 -33.26 -5.51 -22.85
CA GLN H 38 -32.18 -6.43 -22.51
C GLN H 38 -30.88 -6.04 -23.22
N VAL H 39 -30.98 -5.71 -24.51
CA VAL H 39 -29.80 -5.32 -25.28
C VAL H 39 -29.23 -3.99 -24.77
N GLU H 40 -30.13 -3.05 -24.44
CA GLU H 40 -29.74 -1.77 -23.88
C GLU H 40 -28.98 -1.98 -22.57
N ALA H 41 -29.51 -2.85 -21.69
CA ALA H 41 -28.85 -3.12 -20.42
C ALA H 41 -27.47 -3.75 -20.64
N ALA H 42 -27.37 -4.68 -21.59
CA ALA H 42 -26.10 -5.34 -21.87
C ALA H 42 -25.07 -4.34 -22.42
N ALA H 43 -25.53 -3.51 -23.37
CA ALA H 43 -24.67 -2.49 -23.96
C ALA H 43 -24.21 -1.49 -22.91
N ASN H 44 -25.08 -1.16 -21.97
CA ASN H 44 -24.71 -0.25 -20.90
C ASN H 44 -23.59 -0.81 -20.04
N VAL H 45 -23.62 -2.12 -19.80
CA VAL H 45 -22.54 -2.77 -19.04
C VAL H 45 -21.24 -2.64 -19.81
N ILE H 46 -21.27 -2.90 -21.11
CA ILE H 46 -20.06 -2.86 -21.90
C ILE H 46 -19.48 -1.44 -21.91
N ALA H 47 -20.34 -0.44 -22.09
CA ALA H 47 -19.87 0.96 -22.09
C ALA H 47 -19.35 1.36 -20.73
N ALA H 48 -20.06 1.00 -19.67
CA ALA H 48 -19.63 1.36 -18.31
C ALA H 48 -18.30 0.74 -17.97
N ILE H 49 -18.12 -0.54 -18.28
CA ILE H 49 -16.86 -1.21 -17.99
C ILE H 49 -15.73 -0.63 -18.87
N ALA H 50 -16.01 -0.37 -20.15
CA ALA H 50 -15.00 0.28 -21.02
C ALA H 50 -14.51 1.62 -20.46
N ASN H 51 -15.41 2.34 -19.81
CA ASN H 51 -15.14 3.64 -19.20
C ASN H 51 -14.72 3.62 -17.72
N SER H 52 -14.51 2.43 -17.16
CA SER H 52 -14.32 2.29 -15.71
C SER H 52 -12.90 2.50 -15.19
N GLY H 53 -11.96 2.82 -16.07
CA GLY H 53 -10.60 3.08 -15.64
C GLY H 53 -9.87 1.82 -15.23
N MET H 54 -9.97 0.79 -16.04
CA MET H 54 -9.32 -0.49 -15.75
C MET H 54 -7.80 -0.37 -15.80
N GLY H 55 -7.28 0.73 -16.31
CA GLY H 55 -5.85 1.00 -16.29
C GLY H 55 -5.29 0.93 -14.88
N ALA H 56 -6.10 1.28 -13.89
CA ALA H 56 -5.71 1.21 -12.47
C ALA H 56 -5.50 -0.23 -12.01
N LEU H 57 -5.93 -1.21 -12.81
CA LEU H 57 -5.77 -2.63 -12.53
C LEU H 57 -4.55 -3.24 -13.24
N TYR H 58 -3.76 -2.39 -13.90
CA TYR H 58 -2.54 -2.81 -14.59
C TYR H 58 -1.32 -2.19 -13.93
N GLY H 59 -1.30 -2.32 -12.61
CA GLY H 59 -0.24 -1.75 -11.78
C GLY H 59 1.04 -2.55 -11.83
N PRO H 60 2.07 -2.04 -11.15
CA PRO H 60 3.34 -2.73 -11.08
C PRO H 60 3.16 -4.09 -10.49
N GLY H 61 3.90 -5.07 -10.97
CA GLY H 61 3.86 -6.41 -10.44
C GLY H 61 2.73 -7.26 -10.99
N THR H 62 1.94 -6.72 -11.93
CA THR H 62 0.85 -7.49 -12.53
C THR H 62 1.14 -8.00 -13.94
N ASP H 63 2.41 -7.96 -14.33
CA ASP H 63 2.83 -8.42 -15.65
C ASP H 63 3.12 -9.92 -15.69
N LYS H 64 3.13 -10.58 -14.54
CA LYS H 64 3.42 -12.01 -14.45
C LYS H 64 2.49 -12.70 -13.46
N ASN H 65 2.47 -14.03 -13.51
CA ASN H 65 1.63 -14.81 -12.61
C ASN H 65 2.01 -14.50 -11.17
N VAL H 66 1.01 -14.37 -10.31
CA VAL H 66 1.21 -14.05 -8.89
C VAL H 66 0.42 -15.02 -8.05
N GLY H 67 1.07 -15.58 -7.03
CA GLY H 67 0.41 -16.58 -6.19
C GLY H 67 -0.10 -17.71 -7.07
N ASP H 68 -1.39 -18.03 -6.95
CA ASP H 68 -2.00 -19.02 -7.83
C ASP H 68 -2.75 -18.39 -8.99
N VAL H 69 -2.62 -17.07 -9.11
CA VAL H 69 -3.35 -16.34 -10.12
C VAL H 69 -2.48 -16.22 -11.35
N LYS H 70 -3.03 -16.61 -12.49
CA LYS H 70 -2.31 -16.53 -13.73
C LYS H 70 -2.88 -15.40 -14.57
N THR H 71 -1.99 -14.68 -15.25
CA THR H 71 -2.38 -13.62 -16.17
C THR H 71 -1.95 -13.96 -17.58
N ARG H 72 -2.72 -13.47 -18.55
CA ARG H 72 -2.40 -13.66 -19.96
C ARG H 72 -1.96 -12.37 -20.64
N VAL H 73 -1.71 -11.33 -19.87
CA VAL H 73 -1.26 -10.08 -20.46
C VAL H 73 0.15 -10.23 -21.03
N LYS H 74 0.38 -9.63 -22.20
CA LYS H 74 1.72 -9.55 -22.78
C LYS H 74 2.44 -8.30 -22.29
N PRO H 75 3.76 -8.39 -22.08
CA PRO H 75 4.49 -7.25 -21.50
C PRO H 75 4.36 -5.96 -22.33
N GLU H 76 4.19 -6.12 -23.65
CA GLU H 76 4.04 -4.99 -24.59
C GLU H 76 2.87 -4.08 -24.27
N PHE H 77 1.88 -4.60 -23.58
CA PHE H 77 0.69 -3.83 -23.25
C PHE H 77 0.98 -2.57 -22.46
N PHE H 78 1.83 -2.73 -21.45
CA PHE H 78 2.02 -1.69 -20.44
C PHE H 78 2.59 -0.36 -20.96
N GLN H 79 3.38 -0.43 -22.03
CA GLN H 79 4.04 0.80 -22.52
C GLN H 79 3.05 1.78 -23.14
N ASN H 80 1.85 1.29 -23.40
CA ASN H 80 0.78 2.17 -23.92
C ASN H 80 0.01 3.00 -22.88
N MET H 81 0.30 2.81 -21.60
CA MET H 81 -0.28 3.57 -20.50
C MET H 81 0.36 4.93 -20.24
N GLU H 82 -0.47 5.89 -19.84
CA GLU H 82 -0.05 7.24 -19.52
C GLU H 82 -0.78 7.76 -18.30
N ASP H 83 -0.13 8.66 -17.58
CA ASP H 83 -0.72 9.31 -16.45
C ASP H 83 -1.78 10.30 -16.96
N VAL H 84 -3.05 9.99 -16.67
CA VAL H 84 -4.20 10.84 -17.05
C VAL H 84 -4.77 11.57 -15.85
N GLY H 85 -4.00 11.60 -14.78
CA GLY H 85 -4.39 12.30 -13.58
C GLY H 85 -4.41 13.82 -13.69
N LYS H 86 -5.02 14.38 -12.67
CA LYS H 86 -5.23 15.81 -12.57
C LYS H 86 -3.94 16.62 -12.62
N ILE H 87 -2.94 16.18 -11.88
CA ILE H 87 -1.70 16.96 -11.77
C ILE H 87 -0.93 16.93 -13.09
N ALA H 88 -0.94 15.78 -13.76
CA ALA H 88 -0.29 15.65 -15.08
C ALA H 88 -0.94 16.57 -16.09
N ARG H 89 -2.26 16.65 -16.07
CA ARG H 89 -2.97 17.54 -16.98
C ARG H 89 -2.69 19.00 -16.64
N GLU H 90 -2.62 19.34 -15.35
CA GLU H 90 -2.23 20.70 -14.93
C GLU H 90 -0.83 21.02 -15.42
N PHE H 91 0.07 20.06 -15.28
CA PHE H 91 1.46 20.26 -15.68
C PHE H 91 1.62 20.51 -17.18
N VAL H 92 0.98 19.67 -17.98
CA VAL H 92 1.09 19.82 -19.43
C VAL H 92 0.56 21.19 -19.87
N GLY H 93 -0.60 21.56 -19.33
CA GLY H 93 -1.21 22.86 -19.66
C GLY H 93 -0.32 24.00 -19.25
N ALA H 94 0.24 23.90 -18.05
CA ALA H 94 1.13 24.94 -17.55
C ALA H 94 2.42 25.03 -18.39
N ALA H 95 2.97 23.88 -18.77
CA ALA H 95 4.22 23.86 -19.55
C ALA H 95 3.99 24.45 -20.93
N ASN H 96 2.86 24.07 -21.55
CA ASN H 96 2.53 24.65 -22.87
C ASN H 96 2.41 26.17 -22.79
N THR H 97 1.76 26.65 -21.73
CA THR H 97 1.59 28.09 -21.55
C THR H 97 2.95 28.78 -21.33
N LEU H 98 3.83 28.16 -20.55
CA LEU H 98 5.14 28.76 -20.31
C LEU H 98 5.91 28.94 -21.62
N ALA H 99 5.83 27.95 -22.52
CA ALA H 99 6.50 28.07 -23.82
C ALA H 99 5.90 29.18 -24.67
N GLU H 100 4.57 29.26 -24.68
CA GLU H 100 3.86 30.34 -25.39
C GLU H 100 4.27 31.72 -24.89
N VAL H 101 4.23 31.90 -23.59
CA VAL H 101 4.54 33.19 -22.99
C VAL H 101 6.02 33.54 -23.19
N ALA H 102 6.89 32.53 -23.07
CA ALA H 102 8.32 32.76 -23.28
C ALA H 102 8.61 33.25 -24.71
N ALA H 103 7.84 32.79 -25.68
CA ALA H 103 8.03 33.23 -27.08
C ALA H 103 7.73 34.72 -27.29
N THR H 104 6.93 35.30 -26.39
CA THR H 104 6.63 36.75 -26.45
C THR H 104 7.79 37.61 -25.92
N GLY H 105 8.66 37.00 -25.13
CA GLY H 105 9.85 37.69 -24.59
C GLY H 105 9.56 38.50 -23.34
N GLU H 106 8.32 38.47 -22.86
CA GLU H 106 7.91 39.33 -21.77
C GLU H 106 8.19 38.72 -20.40
N ALA H 107 9.22 39.24 -19.73
CA ALA H 107 9.71 38.63 -18.49
C ALA H 107 8.67 38.55 -17.36
N GLU H 108 7.82 39.58 -17.21
CA GLU H 108 6.83 39.56 -16.12
C GLU H 108 5.78 38.46 -16.34
N ALA H 109 5.36 38.25 -17.58
CA ALA H 109 4.41 37.19 -17.90
C ALA H 109 5.07 35.83 -17.72
N VAL H 110 6.33 35.73 -18.13
CA VAL H 110 7.09 34.47 -17.94
C VAL H 110 7.20 34.13 -16.46
N LYS H 111 7.45 35.14 -15.61
CA LYS H 111 7.60 34.91 -14.19
C LYS H 111 6.35 34.23 -13.63
N THR H 112 5.18 34.71 -14.04
CA THR H 112 3.92 34.12 -13.60
C THR H 112 3.75 32.70 -14.16
N ALA H 113 4.02 32.52 -15.45
CA ALA H 113 3.87 31.22 -16.09
C ALA H 113 4.86 30.19 -15.52
N PHE H 114 6.06 30.67 -15.19
CA PHE H 114 7.09 29.84 -14.57
C PHE H 114 6.66 29.35 -13.20
N GLY H 115 6.08 30.23 -12.40
CA GLY H 115 5.52 29.86 -11.10
C GLY H 115 4.45 28.80 -11.19
N ASP H 116 3.58 28.89 -12.21
CA ASP H 116 2.52 27.90 -12.37
C ASP H 116 3.07 26.53 -12.72
N VAL H 117 4.11 26.49 -13.56
CA VAL H 117 4.77 25.23 -13.86
C VAL H 117 5.42 24.66 -12.59
N GLY H 118 6.17 25.50 -11.88
CA GLY H 118 6.84 25.08 -10.65
C GLY H 118 5.88 24.48 -9.64
N ALA H 119 4.70 25.08 -9.50
CA ALA H 119 3.67 24.56 -8.59
C ALA H 119 3.19 23.17 -8.98
N ALA H 120 3.07 22.91 -10.29
CA ALA H 120 2.71 21.59 -10.77
C ALA H 120 3.80 20.55 -10.48
N CYS H 121 5.07 20.90 -10.69
CA CYS H 121 6.16 19.98 -10.36
C CYS H 121 6.05 19.58 -8.90
N LYS H 122 5.93 20.61 -8.07
CA LYS H 122 5.95 20.45 -6.62
C LYS H 122 4.76 19.63 -6.13
N SER H 123 3.59 19.87 -6.71
CA SER H 123 2.41 19.20 -6.23
C SER H 123 2.48 17.71 -6.54
N CYS H 124 3.03 17.34 -7.69
CA CYS H 124 3.18 15.93 -8.00
C CYS H 124 4.19 15.29 -7.05
N HIS H 125 5.27 15.99 -6.76
CA HIS H 125 6.30 15.43 -5.87
C HIS H 125 5.79 15.20 -4.47
N GLU H 126 5.02 16.14 -3.97
CA GLU H 126 4.48 16.01 -2.62
C GLU H 126 3.64 14.76 -2.47
N LYS H 127 2.83 14.45 -3.49
CA LYS H 127 1.97 13.27 -3.48
C LYS H 127 2.68 11.97 -3.83
N TYR H 128 3.57 12.03 -4.82
CA TYR H 128 4.00 10.83 -5.50
C TYR H 128 5.50 10.57 -5.56
N ARG H 129 6.30 11.43 -4.93
CA ARG H 129 7.75 11.23 -4.90
C ARG H 129 8.24 11.17 -3.46
N ALA H 130 8.98 10.12 -3.14
CA ALA H 130 9.55 9.95 -1.80
C ALA H 130 10.52 11.08 -1.49
N LYS H 131 10.51 11.54 -0.24
CA LYS H 131 11.45 12.56 0.18
C LYS H 131 12.84 11.94 0.24
#